data_9DI1
#
_entry.id   9DI1
#
_cell.length_a   1.00
_cell.length_b   1.00
_cell.length_c   1.00
_cell.angle_alpha   90.00
_cell.angle_beta   90.00
_cell.angle_gamma   90.00
#
_symmetry.space_group_name_H-M   'P 1'
#
loop_
_entity.id
_entity.type
_entity.pdbx_description
1 polymer 'WD repeat-containing protein 48'
2 polymer 'Ubiquitin carboxyl-terminal hydrolase 1'
3 polymer Ubiquitin
4 non-polymer 'ZINC ION'
5 non-polymer 6-(4-cyclopropyl-6-methoxy-pyrimidin-5-yl)-1-[[4-[1-propan-2-yl-4-(trifluoromethyl)imidazol-2-yl]phenyl]methyl]pyrazolo[3,4-d]pyrimidine
6 non-polymer 3-(methanesulfonyl)propan-1-amine
#
loop_
_entity_poly.entity_id
_entity_poly.type
_entity_poly.pdbx_seq_one_letter_code
_entity_poly.pdbx_strand_id
1 'polypeptide(L)'
;MAAHHRQNTAGRRKVQVSYVIRDEVEKYNRNGVNALQLDPALNRLFTAGRDSIIRIWSVNQHKQDPYIASMEHHTDWVND
IVLCCNGKTLISASSDTTVKVWNAHKGFCMSTLRTHKDYVKALAYAKDKELVASAGLDRQIFLWDVNTLTALTASNNTVT
TSSLSGNKDSIYSLAMNQLGTIIVSGSTEKVLRVWDPRTCAKLMKLKGHTDNVKALLLNRDGTQCLSGSSDGTIRLWSLG
QQRCIATYRVHDEGVWALQVNDAFTHVYSGGRDRKIYCTDLRNPDIRVLICEEKAPVLKMELDRSADPPPAIWVATTKST
VNKWTLKGIHNFRASGDYDNDCTNPITPLCTQPDQVIKGGASIIQCHILNDKRHILTKDTNNNVAYWDVLKACKVEDLGK
VDFEDEIKKRFKMVYVPNWFSVDLKTGMLTITLDESDCFAAWVSAKDAGFSSPDGSDPKLNLGGLLLQALLEYWPRTHVN
PMDEEENEVNHVNGEQENRVQKGNGYFQVPPHTPVIFGEAGGRTLFRLLCRDSGGETESMLLNETVPQWVIDITVDKNMP
KFNKIPFYLQPHASSGAKTLKKDRLSASDMLQVRKVMEHVYEKIINLDNESQTTSSSNNEKPGEQEKEEDIAVLAEEKIE
LLCQDQVLDPNMDLRTVKHFIWKSGGDLTLHYRQKST
;
A
2 'polypeptide(L)'
;MPGVIPSESNGLSRGSPSKKNRLSLKFFQKKETKRALDFTDSQENEEKASEYRASEIDQVVPAAQSSPINCEKRENLLPF
VGLNNLGNTCYLNSILQVLYFCPGFKSGVKHLFNIISRKKEALKDEANQKDKGNCKEDSLASYELICSLQSLIISVEQLQ
ASFLLNPEKYTDELATQPRRLLNTLRELNPMYEGYLQHDAQEVLQCILGNIQETCQLLKKEEVKNVAELPTKVEEIPHPK
EEMNGINSIEMDSMRHSEDFKEKLPKGNGKRKSDTEFGNMKKKVKLSKEHQSLEENQRQTRSKRKATSDTLESPPKIIPK
YISENESPRPSQKKSRVKINWLKSATKQPSILSKFCSLGKITTNQGVKGQSKENECDPEEDLGKCESDNTTNGCGLESPG
NTVTPVNVNEVKPINKGEEQIGFELVEKLFQGQLVLRTRCLECESLTERREDFQDISVPVQEDELSKVEESSEISPEPKT
EMKTLRWAISQFASVERIVGEDKYFCENCHHYTEAERSLLFDKMPEVITIHLKCFAASGLEFDCYGGGLSKINTPLLTPL
KLSLEEWSTKPTNDSYGLFAVVMHSGITISSGHYTASVKVTDLNSLELDKGNFVVDQMCEIGKPEPLNEEEARGVVENYN
DEEVSIRVGGNTQPSKVLNKKNVEAIGLLGGQKSKADYELYNKASNPDKVASTAFAENRNSETSDTTGTHESDRNKESSD
QTGINISGFENKISYVVQSLKEYEGKWLLFDDSEVKVTEEKDFLNSLSPSTSPTSTPYLLFYKKL
;
B
3 'polypeptide(L)' MQIFVKTLTGKTITLEVEPSDTIENVKAKIQDKEGIPPDQQRLIFAGKQLEDGRTLSDYNIQKESTLHLVLRLRG C
#
loop_
_chem_comp.id
_chem_comp.type
_chem_comp.name
_chem_comp.formula
A1A4Y non-polymer 3-(methanesulfonyl)propan-1-amine 'C4 H11 N O2 S'
A1IB8 non-polymer 6-(4-cyclopropyl-6-methoxy-pyrimidin-5-yl)-1-[[4-[1-propan-2-yl-4-(trifluoromethyl)imidazol-2-yl]phenyl]methyl]pyrazolo[3,4-d]pyrimidine 'C27 H25 F3 N8 O'
ZN non-polymer 'ZINC ION' 'Zn 2'
#
# COMPACT_ATOMS: atom_id res chain seq x y z
N ARG A 13 -8.42 19.12 -0.60
CA ARG A 13 -7.77 18.71 0.67
C ARG A 13 -6.43 19.40 0.88
N LYS A 14 -5.30 18.76 0.57
CA LYS A 14 -3.94 19.33 0.62
C LYS A 14 -3.43 19.41 -0.81
N VAL A 15 -3.10 20.63 -1.25
CA VAL A 15 -2.56 20.86 -2.59
C VAL A 15 -1.05 20.72 -2.55
N GLN A 16 -0.53 19.90 -3.45
CA GLN A 16 0.88 19.68 -3.71
C GLN A 16 1.26 20.36 -5.02
N VAL A 17 2.48 20.88 -5.08
CA VAL A 17 3.06 21.44 -6.31
C VAL A 17 4.01 20.40 -6.89
N SER A 18 3.82 20.03 -8.15
CA SER A 18 4.71 19.12 -8.85
C SER A 18 5.23 19.74 -10.14
N TYR A 19 6.35 19.24 -10.65
CA TYR A 19 6.85 19.57 -11.98
C TYR A 19 7.58 18.38 -12.59
N VAL A 20 7.67 18.38 -13.93
CA VAL A 20 8.24 17.26 -14.68
C VAL A 20 9.53 17.68 -15.36
N ILE A 21 10.60 16.92 -15.09
CA ILE A 21 11.87 17.08 -15.81
C ILE A 21 11.81 16.26 -17.10
N ARG A 22 11.75 16.97 -18.23
CA ARG A 22 11.62 16.42 -19.59
C ARG A 22 12.24 17.36 -20.62
N ASP A 23 12.42 16.86 -21.83
CA ASP A 23 12.79 17.68 -22.98
C ASP A 23 11.57 18.46 -23.51
N GLU A 24 11.82 19.53 -24.30
CA GLU A 24 10.74 20.35 -24.85
C GLU A 24 9.81 19.53 -25.77
N VAL A 25 10.38 18.61 -26.55
CA VAL A 25 9.66 17.69 -27.45
C VAL A 25 9.89 16.22 -27.08
N GLU A 26 8.89 15.60 -26.43
CA GLU A 26 8.88 14.16 -26.13
C GLU A 26 8.37 13.32 -27.33
N LYS A 27 9.12 13.35 -28.43
CA LYS A 27 8.72 12.80 -29.74
C LYS A 27 8.30 11.32 -29.70
N TYR A 28 8.95 10.51 -28.87
CA TYR A 28 8.69 9.08 -28.72
C TYR A 28 7.91 8.78 -27.44
N ASN A 29 7.11 7.71 -27.43
CA ASN A 29 6.48 7.18 -26.21
C ASN A 29 7.53 6.83 -25.15
N ARG A 30 7.37 7.33 -23.91
CA ARG A 30 8.29 7.07 -22.79
C ARG A 30 7.85 5.95 -21.84
N ASN A 31 6.69 5.34 -22.09
CA ASN A 31 6.11 4.26 -21.30
C ASN A 31 5.18 3.42 -22.20
N GLY A 32 4.42 2.47 -21.67
CA GLY A 32 3.42 1.68 -22.41
C GLY A 32 2.30 2.53 -23.03
N VAL A 33 1.55 1.94 -23.96
CA VAL A 33 0.40 2.59 -24.65
C VAL A 33 -0.90 1.90 -24.23
N ASN A 34 -1.83 2.66 -23.64
CA ASN A 34 -3.11 2.10 -23.16
C ASN A 34 -4.22 2.14 -24.22
N ALA A 35 -4.21 3.12 -25.11
CA ALA A 35 -5.28 3.31 -26.07
C ALA A 35 -4.77 3.75 -27.45
N LEU A 36 -5.49 3.29 -28.47
CA LEU A 36 -5.26 3.53 -29.89
C LEU A 36 -6.57 4.00 -30.53
N GLN A 37 -6.47 4.85 -31.55
CA GLN A 37 -7.54 5.20 -32.49
C GLN A 37 -6.93 5.44 -33.87
N LEU A 38 -7.70 5.25 -34.95
CA LEU A 38 -7.33 5.66 -36.31
C LEU A 38 -8.33 6.70 -36.83
N ASP A 39 -7.82 7.65 -37.61
CA ASP A 39 -8.60 8.45 -38.55
C ASP A 39 -8.33 7.94 -39.98
N PRO A 40 -9.24 7.16 -40.59
CA PRO A 40 -9.02 6.57 -41.91
C PRO A 40 -8.98 7.63 -43.04
N ALA A 41 -9.66 8.76 -42.88
CA ALA A 41 -9.63 9.85 -43.87
C ALA A 41 -8.26 10.54 -43.92
N LEU A 42 -7.60 10.71 -42.77
CA LEU A 42 -6.28 11.34 -42.67
C LEU A 42 -5.09 10.38 -42.60
N ASN A 43 -5.32 9.05 -42.59
CA ASN A 43 -4.31 8.03 -42.32
C ASN A 43 -3.48 8.36 -41.08
N ARG A 44 -4.16 8.43 -39.94
CA ARG A 44 -3.63 9.03 -38.72
C ARG A 44 -3.94 8.21 -37.48
N LEU A 45 -2.91 7.69 -36.82
CA LEU A 45 -3.01 6.91 -35.58
C LEU A 45 -2.82 7.83 -34.37
N PHE A 46 -3.67 7.67 -33.35
CA PHE A 46 -3.52 8.32 -32.05
C PHE A 46 -3.03 7.29 -31.03
N THR A 47 -2.03 7.61 -30.20
CA THR A 47 -1.52 6.72 -29.14
C THR A 47 -1.58 7.43 -27.81
N ALA A 48 -2.52 7.03 -26.95
CA ALA A 48 -2.62 7.50 -25.57
C ALA A 48 -1.71 6.65 -24.66
N GLY A 49 -0.62 7.26 -24.20
CA GLY A 49 0.40 6.60 -23.40
C GLY A 49 0.21 6.75 -21.90
N ARG A 50 0.90 5.87 -21.18
CA ARG A 50 1.16 5.98 -19.75
C ARG A 50 2.12 7.12 -19.40
N ASP A 51 2.77 7.72 -20.40
CA ASP A 51 3.57 8.93 -20.23
C ASP A 51 2.74 10.22 -20.19
N SER A 52 1.41 10.12 -20.11
CA SER A 52 0.43 11.23 -20.06
C SER A 52 0.30 12.06 -21.35
N ILE A 53 0.85 11.55 -22.46
CA ILE A 53 0.89 12.28 -23.74
C ILE A 53 0.14 11.48 -24.81
N ILE A 54 -0.77 12.15 -25.51
CA ILE A 54 -1.45 11.58 -26.68
C ILE A 54 -0.69 12.02 -27.93
N ARG A 55 -0.10 11.07 -28.66
CA ARG A 55 0.65 11.40 -29.90
C ARG A 55 -0.16 11.07 -31.14
N ILE A 56 0.11 11.85 -32.17
CA ILE A 56 -0.51 11.73 -33.49
C ILE A 56 0.58 11.25 -34.47
N TRP A 57 0.28 10.16 -35.18
CA TRP A 57 1.21 9.48 -36.10
C TRP A 57 0.61 9.33 -37.48
N SER A 58 1.41 9.49 -38.53
CA SER A 58 1.04 9.17 -39.91
C SER A 58 1.29 7.68 -40.17
N VAL A 59 0.34 7.04 -40.85
CA VAL A 59 0.42 5.60 -41.20
C VAL A 59 0.57 5.33 -42.70
N ASN A 60 0.83 6.37 -43.52
CA ASN A 60 1.26 6.19 -44.91
C ASN A 60 2.70 5.65 -44.99
N GLN A 61 2.93 4.63 -45.83
CA GLN A 61 4.23 3.95 -45.98
C GLN A 61 5.38 4.86 -46.44
N HIS A 62 5.10 5.84 -47.31
CA HIS A 62 6.13 6.76 -47.82
C HIS A 62 6.70 7.72 -46.75
N LYS A 63 6.02 7.87 -45.60
CA LYS A 63 6.53 8.73 -44.51
C LYS A 63 7.63 8.00 -43.73
N GLN A 64 8.80 8.62 -43.73
CA GLN A 64 9.99 8.13 -43.02
C GLN A 64 9.90 8.39 -41.51
N ASP A 65 9.46 9.60 -41.13
CA ASP A 65 9.06 9.92 -39.76
C ASP A 65 7.53 9.89 -39.67
N PRO A 66 6.96 8.97 -38.87
CA PRO A 66 5.53 8.95 -38.61
C PRO A 66 5.06 10.07 -37.67
N TYR A 67 5.92 10.72 -36.88
CA TYR A 67 5.47 11.75 -35.93
C TYR A 67 4.78 12.94 -36.64
N ILE A 68 3.62 13.37 -36.14
CA ILE A 68 2.90 14.57 -36.62
C ILE A 68 2.80 15.63 -35.52
N ALA A 69 2.31 15.25 -34.34
CA ALA A 69 2.10 16.16 -33.21
C ALA A 69 2.02 15.41 -31.87
N SER A 70 2.16 16.16 -30.78
CA SER A 70 1.98 15.71 -29.39
C SER A 70 0.93 16.58 -28.70
N MET A 71 -0.02 15.94 -28.01
CA MET A 71 -1.12 16.56 -27.29
C MET A 71 -0.93 16.27 -25.78
N GLU A 72 -0.47 17.28 -25.03
CA GLU A 72 0.08 17.11 -23.68
C GLU A 72 -0.54 18.08 -22.65
N HIS A 73 -1.53 17.57 -21.91
CA HIS A 73 -2.32 18.31 -20.89
C HIS A 73 -2.82 17.39 -19.75
N HIS A 74 -2.48 16.10 -19.81
CA HIS A 74 -2.67 15.20 -18.67
C HIS A 74 -1.49 15.26 -17.71
N THR A 75 -1.69 14.66 -16.53
CA THR A 75 -0.71 14.62 -15.42
C THR A 75 -0.47 13.19 -14.90
N ASP A 76 -1.19 12.23 -15.47
CA ASP A 76 -1.06 10.79 -15.23
C ASP A 76 -1.53 10.04 -16.49
N TRP A 77 -1.56 8.71 -16.45
CA TRP A 77 -1.86 7.83 -17.56
C TRP A 77 -3.12 8.22 -18.32
N VAL A 78 -3.06 8.17 -19.65
CA VAL A 78 -4.26 8.28 -20.49
C VAL A 78 -4.81 6.88 -20.77
N ASN A 79 -5.89 6.49 -20.10
CA ASN A 79 -6.40 5.12 -20.09
C ASN A 79 -7.21 4.78 -21.34
N ASP A 80 -8.00 5.72 -21.85
CA ASP A 80 -8.80 5.55 -23.06
C ASP A 80 -8.91 6.87 -23.83
N ILE A 81 -9.01 6.75 -25.16
CA ILE A 81 -9.26 7.87 -26.06
C ILE A 81 -10.33 7.47 -27.08
N VAL A 82 -11.21 8.41 -27.42
CA VAL A 82 -12.27 8.25 -28.41
C VAL A 82 -12.13 9.34 -29.46
N LEU A 83 -12.13 8.94 -30.72
CA LEU A 83 -12.14 9.87 -31.85
C LEU A 83 -13.59 10.09 -32.31
N CYS A 84 -14.04 11.35 -32.35
CA CYS A 84 -15.45 11.72 -32.56
C CYS A 84 -15.62 12.89 -33.54
N CYS A 85 -16.84 13.06 -34.06
CA CYS A 85 -17.22 14.10 -35.02
C CYS A 85 -16.38 14.11 -36.30
N ASN A 86 -16.28 12.97 -37.01
CA ASN A 86 -15.43 12.80 -38.20
C ASN A 86 -13.94 13.11 -37.96
N GLY A 87 -13.39 12.66 -36.83
CA GLY A 87 -11.98 12.88 -36.50
C GLY A 87 -11.61 14.31 -36.11
N LYS A 88 -12.59 15.23 -36.00
CA LYS A 88 -12.34 16.62 -35.60
C LYS A 88 -12.05 16.78 -34.11
N THR A 89 -12.66 15.93 -33.29
CA THR A 89 -12.61 16.04 -31.82
C THR A 89 -12.10 14.73 -31.24
N LEU A 90 -11.27 14.82 -30.20
CA LEU A 90 -10.81 13.66 -29.43
C LEU A 90 -11.27 13.83 -27.98
N ILE A 91 -11.74 12.76 -27.36
CA ILE A 91 -12.05 12.70 -25.93
C ILE A 91 -11.02 11.79 -25.28
N SER A 92 -10.43 12.25 -24.18
CA SER A 92 -9.38 11.53 -23.45
C SER A 92 -9.77 11.34 -22.00
N ALA A 93 -9.64 10.13 -21.47
CA ALA A 93 -9.84 9.78 -20.07
C ALA A 93 -8.51 9.44 -19.40
N SER A 94 -8.26 9.96 -18.19
CA SER A 94 -6.99 9.74 -17.49
C SER A 94 -7.14 9.36 -16.02
N SER A 95 -6.07 8.76 -15.48
CA SER A 95 -5.88 8.53 -14.05
C SER A 95 -5.74 9.82 -13.23
N ASP A 96 -5.54 10.98 -13.86
CA ASP A 96 -5.65 12.30 -13.20
C ASP A 96 -7.10 12.72 -12.88
N THR A 97 -8.06 11.79 -13.00
CA THR A 97 -9.52 11.94 -12.81
C THR A 97 -10.21 12.82 -13.86
N THR A 98 -9.47 13.34 -14.86
CA THR A 98 -10.04 14.23 -15.87
C THR A 98 -10.48 13.50 -17.13
N VAL A 99 -11.56 14.01 -17.72
CA VAL A 99 -11.92 13.76 -19.12
C VAL A 99 -11.69 15.04 -19.90
N LYS A 100 -10.87 15.01 -20.95
CA LYS A 100 -10.50 16.19 -21.74
C LYS A 100 -11.05 16.11 -23.15
N VAL A 101 -11.46 17.26 -23.67
CA VAL A 101 -11.87 17.45 -25.06
C VAL A 101 -10.75 18.17 -25.80
N TRP A 102 -10.38 17.65 -26.96
CA TRP A 102 -9.31 18.19 -27.80
C TRP A 102 -9.82 18.47 -29.22
N ASN A 103 -9.16 19.40 -29.88
CA ASN A 103 -9.21 19.52 -31.33
C ASN A 103 -8.19 18.58 -31.98
N ALA A 104 -8.63 17.51 -32.65
CA ALA A 104 -7.73 16.48 -33.21
C ALA A 104 -6.92 16.99 -34.42
N HIS A 105 -7.47 17.91 -35.22
CA HIS A 105 -6.76 18.48 -36.39
C HIS A 105 -5.61 19.40 -36.00
N LYS A 106 -5.75 20.15 -34.91
CA LYS A 106 -4.77 21.13 -34.42
C LYS A 106 -3.88 20.59 -33.28
N GLY A 107 -4.44 19.79 -32.38
CA GLY A 107 -3.73 19.10 -31.30
C GLY A 107 -3.73 19.80 -29.92
N PHE A 108 -4.74 20.63 -29.61
CA PHE A 108 -4.86 21.35 -28.33
C PHE A 108 -6.08 20.93 -27.52
N CYS A 109 -6.00 21.01 -26.19
CA CYS A 109 -7.13 20.82 -25.29
C CYS A 109 -8.02 22.06 -25.32
N MET A 110 -9.33 21.89 -25.49
CA MET A 110 -10.33 22.97 -25.53
C MET A 110 -11.42 22.83 -24.45
N SER A 111 -11.34 21.83 -23.57
CA SER A 111 -12.21 21.69 -22.39
C SER A 111 -11.71 20.56 -21.48
N THR A 112 -11.95 20.68 -20.16
CA THR A 112 -11.66 19.65 -19.15
C THR A 112 -12.88 19.44 -18.24
N LEU A 113 -13.31 18.19 -18.11
CA LEU A 113 -14.40 17.74 -17.24
C LEU A 113 -13.83 17.03 -16.00
N ARG A 114 -14.22 17.52 -14.82
CA ARG A 114 -13.65 17.14 -13.51
C ARG A 114 -14.68 16.45 -12.61
N THR A 115 -15.72 15.87 -13.22
CA THR A 115 -16.91 15.32 -12.56
C THR A 115 -16.68 13.95 -11.93
N HIS A 116 -15.60 13.26 -12.31
CA HIS A 116 -15.14 12.03 -11.65
C HIS A 116 -14.43 12.31 -10.33
N LYS A 117 -14.26 11.27 -9.52
CA LYS A 117 -13.63 11.27 -8.18
C LYS A 117 -12.39 10.39 -8.08
N ASP A 118 -12.21 9.47 -9.02
CA ASP A 118 -11.08 8.56 -9.13
C ASP A 118 -10.77 8.33 -10.62
N TYR A 119 -9.80 7.47 -10.93
CA TYR A 119 -9.27 7.25 -12.27
C TYR A 119 -10.38 6.92 -13.28
N VAL A 120 -10.34 7.58 -14.43
CA VAL A 120 -11.27 7.32 -15.54
C VAL A 120 -10.62 6.33 -16.50
N LYS A 121 -11.19 5.13 -16.60
CA LYS A 121 -10.59 3.96 -17.29
C LYS A 121 -11.12 3.72 -18.69
N ALA A 122 -12.41 3.95 -18.88
CA ALA A 122 -13.10 3.58 -20.11
C ALA A 122 -13.89 4.76 -20.65
N LEU A 123 -13.86 4.89 -21.97
CA LEU A 123 -14.81 5.67 -22.74
C LEU A 123 -15.65 4.74 -23.63
N ALA A 124 -16.84 5.20 -23.98
CA ALA A 124 -17.71 4.58 -24.98
C ALA A 124 -18.15 5.65 -25.98
N TYR A 125 -18.52 5.24 -27.20
CA TYR A 125 -19.02 6.14 -28.24
C TYR A 125 -20.23 5.56 -28.96
N ALA A 126 -21.21 6.41 -29.26
CA ALA A 126 -22.30 6.14 -30.18
C ALA A 126 -22.21 7.09 -31.38
N LYS A 127 -21.67 6.58 -32.49
CA LYS A 127 -21.42 7.36 -33.72
C LYS A 127 -22.69 8.03 -34.26
N ASP A 128 -23.82 7.36 -34.16
CA ASP A 128 -25.07 7.82 -34.78
C ASP A 128 -25.87 8.77 -33.86
N LYS A 129 -25.34 9.09 -32.66
CA LYS A 129 -25.88 10.09 -31.73
C LYS A 129 -24.87 11.13 -31.23
N GLU A 130 -23.59 11.03 -31.62
CA GLU A 130 -22.50 11.85 -31.08
C GLU A 130 -22.47 11.85 -29.54
N LEU A 131 -22.77 10.69 -28.94
CA LEU A 131 -22.87 10.52 -27.49
C LEU A 131 -21.64 9.74 -26.98
N VAL A 132 -20.97 10.25 -25.95
CA VAL A 132 -19.80 9.63 -25.32
C VAL A 132 -20.11 9.31 -23.87
N ALA A 133 -19.75 8.13 -23.39
CA ALA A 133 -19.81 7.80 -21.97
C ALA A 133 -18.41 7.71 -21.36
N SER A 134 -18.25 8.16 -20.11
CA SER A 134 -17.01 7.98 -19.33
C SER A 134 -17.27 7.22 -18.04
N ALA A 135 -16.44 6.21 -17.75
CA ALA A 135 -16.48 5.43 -16.52
C ALA A 135 -15.11 5.27 -15.87
N GLY A 136 -15.12 5.02 -14.56
CA GLY A 136 -13.90 4.88 -13.77
C GLY A 136 -14.04 4.06 -12.50
N LEU A 137 -12.98 4.13 -11.70
CA LEU A 137 -12.85 3.50 -10.38
C LEU A 137 -13.81 4.10 -9.33
N ASP A 138 -14.34 5.30 -9.59
CA ASP A 138 -15.36 5.95 -8.76
C ASP A 138 -16.79 5.41 -8.93
N ARG A 139 -16.95 4.27 -9.64
CA ARG A 139 -18.23 3.58 -9.88
C ARG A 139 -19.27 4.40 -10.66
N GLN A 140 -18.89 5.56 -11.17
CA GLN A 140 -19.76 6.47 -11.91
C GLN A 140 -19.61 6.26 -13.41
N ILE A 141 -20.73 6.34 -14.12
CA ILE A 141 -20.79 6.45 -15.58
C ILE A 141 -21.47 7.79 -15.88
N PHE A 142 -20.78 8.69 -16.58
CA PHE A 142 -21.37 9.93 -17.11
C PHE A 142 -21.56 9.83 -18.62
N LEU A 143 -22.72 10.24 -19.11
CA LEU A 143 -23.05 10.40 -20.52
C LEU A 143 -22.90 11.88 -20.91
N TRP A 144 -22.29 12.13 -22.07
CA TRP A 144 -22.01 13.44 -22.64
C TRP A 144 -22.49 13.51 -24.09
N ASP A 145 -23.16 14.58 -24.48
CA ASP A 145 -23.37 14.97 -25.87
C ASP A 145 -22.12 15.71 -26.38
N VAL A 146 -21.47 15.21 -27.42
CA VAL A 146 -20.21 15.77 -27.92
C VAL A 146 -20.42 17.15 -28.53
N ASN A 147 -21.56 17.42 -29.19
CA ASN A 147 -21.86 18.76 -29.68
C ASN A 147 -22.03 19.76 -28.53
N THR A 148 -22.51 19.30 -27.37
CA THR A 148 -22.56 20.11 -26.14
C THR A 148 -21.19 20.29 -25.48
N LEU A 149 -20.32 19.27 -25.51
CA LEU A 149 -18.95 19.37 -24.98
C LEU A 149 -18.02 20.30 -25.78
N THR A 150 -18.40 20.67 -27.01
CA THR A 150 -17.69 21.68 -27.81
C THR A 150 -18.01 23.14 -27.40
N ALA A 151 -17.88 23.42 -26.09
CA ALA A 151 -17.90 24.77 -25.52
C ALA A 151 -16.49 25.14 -25.02
N LEU A 152 -16.06 26.40 -25.24
CA LEU A 152 -14.65 26.80 -25.09
C LEU A 152 -14.10 26.62 -23.66
N THR A 153 -14.87 27.03 -22.66
CA THR A 153 -14.52 27.02 -21.23
C THR A 153 -15.79 27.15 -20.40
N ALA A 154 -15.74 26.79 -19.12
CA ALA A 154 -16.86 26.95 -18.18
C ALA A 154 -17.41 28.40 -18.10
N SER A 155 -16.52 29.40 -18.23
CA SER A 155 -16.84 30.83 -18.30
C SER A 155 -17.59 31.23 -19.58
N ASN A 156 -17.27 30.63 -20.73
CA ASN A 156 -18.02 30.77 -21.97
C ASN A 156 -19.36 30.01 -21.90
N ASN A 157 -19.35 28.79 -21.38
CA ASN A 157 -20.53 27.97 -21.08
C ASN A 157 -20.14 26.79 -20.16
N THR A 158 -21.03 26.41 -19.22
CA THR A 158 -20.89 25.18 -18.42
C THR A 158 -22.08 24.25 -18.65
N VAL A 159 -21.84 22.94 -18.56
CA VAL A 159 -22.78 21.89 -18.94
C VAL A 159 -23.24 21.05 -17.75
N THR A 160 -24.38 20.38 -17.93
CA THR A 160 -24.96 19.46 -16.94
C THR A 160 -24.34 18.05 -17.04
N THR A 161 -24.82 17.12 -16.22
CA THR A 161 -24.30 15.74 -16.15
C THR A 161 -25.44 14.73 -16.17
N SER A 162 -25.45 13.83 -17.15
CA SER A 162 -26.31 12.64 -17.12
C SER A 162 -25.54 11.46 -16.56
N SER A 163 -26.06 10.78 -15.53
CA SER A 163 -25.38 9.67 -14.86
C SER A 163 -26.16 8.37 -14.93
N LEU A 164 -25.47 7.27 -15.26
CA LEU A 164 -25.96 5.92 -15.00
C LEU A 164 -25.48 5.42 -13.64
N SER A 165 -26.44 5.02 -12.81
CA SER A 165 -26.22 4.47 -11.48
C SER A 165 -26.60 3.00 -11.37
N GLY A 166 -25.95 2.29 -10.44
CA GLY A 166 -26.24 0.89 -10.11
C GLY A 166 -25.04 -0.04 -10.11
N ASN A 167 -23.85 0.43 -10.47
CA ASN A 167 -22.61 -0.34 -10.38
C ASN A 167 -22.11 -0.41 -8.94
N LYS A 168 -21.70 -1.59 -8.48
CA LYS A 168 -21.28 -1.81 -7.08
C LYS A 168 -19.76 -1.92 -6.90
N ASP A 169 -19.00 -1.84 -7.98
CA ASP A 169 -17.54 -2.00 -7.98
C ASP A 169 -16.92 -1.29 -9.20
N SER A 170 -15.60 -1.08 -9.18
CA SER A 170 -14.86 -0.25 -10.13
C SER A 170 -15.01 -0.69 -11.58
N ILE A 171 -15.28 0.27 -12.49
CA ILE A 171 -15.57 -0.01 -13.89
C ILE A 171 -14.27 0.05 -14.70
N TYR A 172 -13.92 -1.07 -15.33
CA TYR A 172 -12.72 -1.20 -16.16
C TYR A 172 -13.02 -1.17 -17.66
N SER A 173 -14.28 -1.29 -18.05
CA SER A 173 -14.69 -1.26 -19.45
C SER A 173 -16.11 -0.69 -19.59
N LEU A 174 -16.30 0.11 -20.63
CA LEU A 174 -17.59 0.44 -21.20
C LEU A 174 -17.65 -0.11 -22.64
N ALA A 175 -18.86 -0.31 -23.11
CA ALA A 175 -19.18 -0.48 -24.51
C ALA A 175 -20.52 0.22 -24.77
N MET A 176 -20.65 0.93 -25.88
CA MET A 176 -21.91 1.55 -26.29
C MET A 176 -22.25 1.11 -27.70
N ASN A 177 -23.52 0.80 -27.93
CA ASN A 177 -24.04 0.50 -29.25
C ASN A 177 -23.79 1.69 -30.20
N GLN A 178 -23.52 1.45 -31.48
CA GLN A 178 -23.28 2.51 -32.46
C GLN A 178 -24.45 3.50 -32.59
N LEU A 179 -25.70 3.00 -32.40
CA LEU A 179 -26.94 3.79 -32.42
C LEU A 179 -27.31 4.43 -31.06
N GLY A 180 -26.46 4.33 -30.03
CA GLY A 180 -26.69 4.92 -28.71
C GLY A 180 -27.97 4.43 -28.01
N THR A 181 -28.25 3.12 -28.11
CA THR A 181 -29.45 2.48 -27.52
C THR A 181 -29.14 1.51 -26.37
N ILE A 182 -27.92 0.98 -26.31
CA ILE A 182 -27.46 0.07 -25.26
C ILE A 182 -26.08 0.53 -24.83
N ILE A 183 -25.85 0.59 -23.52
CA ILE A 183 -24.53 0.72 -22.91
C ILE A 183 -24.28 -0.42 -21.94
N VAL A 184 -23.07 -0.96 -21.95
CA VAL A 184 -22.65 -2.09 -21.13
C VAL A 184 -21.41 -1.70 -20.33
N SER A 185 -21.35 -2.13 -19.08
CA SER A 185 -20.24 -1.91 -18.17
C SER A 185 -19.68 -3.24 -17.68
N GLY A 186 -18.36 -3.37 -17.69
CA GLY A 186 -17.60 -4.48 -17.14
C GLY A 186 -16.71 -4.01 -16.00
N SER A 187 -16.78 -4.72 -14.87
CA SER A 187 -16.21 -4.32 -13.59
C SER A 187 -15.71 -5.55 -12.82
N THR A 188 -14.97 -5.27 -11.75
CA THR A 188 -14.56 -6.25 -10.73
C THR A 188 -15.74 -6.87 -9.95
N GLU A 189 -16.98 -6.38 -10.15
CA GLU A 189 -18.23 -7.03 -9.73
C GLU A 189 -18.51 -8.36 -10.46
N LYS A 190 -17.76 -8.69 -11.53
CA LYS A 190 -17.87 -9.93 -12.36
C LYS A 190 -19.18 -10.08 -13.15
N VAL A 191 -20.07 -9.09 -13.09
CA VAL A 191 -21.37 -9.10 -13.78
C VAL A 191 -21.48 -7.92 -14.73
N LEU A 192 -21.81 -8.18 -15.99
CA LEU A 192 -22.04 -7.08 -16.93
C LEU A 192 -23.36 -6.40 -16.61
N ARG A 193 -23.35 -5.07 -16.62
CA ARG A 193 -24.53 -4.24 -16.41
C ARG A 193 -24.90 -3.54 -17.69
N VAL A 194 -26.20 -3.53 -17.98
CA VAL A 194 -26.74 -2.96 -19.21
C VAL A 194 -27.79 -1.91 -18.90
N TRP A 195 -27.67 -0.75 -19.54
CA TRP A 195 -28.65 0.34 -19.49
C TRP A 195 -29.08 0.77 -20.91
N ASP A 196 -30.24 1.43 -21.01
CA ASP A 196 -30.54 2.31 -22.14
C ASP A 196 -30.05 3.73 -21.82
N PRO A 197 -29.04 4.28 -22.52
CA PRO A 197 -28.54 5.62 -22.28
C PRO A 197 -29.59 6.73 -22.53
N ARG A 198 -30.58 6.51 -23.42
CA ARG A 198 -31.62 7.50 -23.77
C ARG A 198 -32.54 7.81 -22.60
N THR A 199 -32.85 6.79 -21.80
CA THR A 199 -33.79 6.90 -20.66
C THR A 199 -33.09 6.76 -19.30
N CYS A 200 -31.77 6.52 -19.30
CA CYS A 200 -30.95 6.19 -18.14
C CYS A 200 -31.44 4.98 -17.30
N ALA A 201 -32.20 4.08 -17.94
CA ALA A 201 -32.84 2.94 -17.30
C ALA A 201 -31.96 1.69 -17.32
N LYS A 202 -32.13 0.81 -16.31
CA LYS A 202 -31.50 -0.54 -16.30
C LYS A 202 -32.29 -1.48 -17.21
N LEU A 203 -31.58 -2.40 -17.86
CA LEU A 203 -32.19 -3.45 -18.69
C LEU A 203 -31.83 -4.86 -18.21
N MET A 204 -30.58 -5.10 -17.83
CA MET A 204 -30.05 -6.45 -17.63
C MET A 204 -28.93 -6.50 -16.59
N LYS A 205 -28.61 -7.73 -16.16
CA LYS A 205 -27.47 -8.04 -15.28
C LYS A 205 -26.89 -9.41 -15.62
N LEU A 206 -26.05 -9.44 -16.65
CA LEU A 206 -25.47 -10.65 -17.22
C LEU A 206 -24.44 -11.24 -16.25
N LYS A 207 -24.53 -12.55 -16.00
CA LYS A 207 -23.68 -13.28 -15.04
C LYS A 207 -22.97 -14.43 -15.74
N GLY A 208 -21.73 -14.72 -15.33
CA GLY A 208 -20.99 -15.88 -15.82
C GLY A 208 -19.47 -15.67 -15.92
N HIS A 209 -18.99 -14.43 -15.84
CA HIS A 209 -17.55 -14.17 -15.70
C HIS A 209 -17.06 -14.42 -14.27
N THR A 210 -15.81 -14.84 -14.14
CA THR A 210 -15.21 -15.27 -12.85
C THR A 210 -14.13 -14.31 -12.35
N ASP A 211 -13.78 -13.28 -13.12
CA ASP A 211 -12.85 -12.19 -12.70
C ASP A 211 -13.22 -10.85 -13.36
N ASN A 212 -12.32 -9.85 -13.31
CA ASN A 212 -12.54 -8.53 -13.90
C ASN A 212 -12.76 -8.61 -15.43
N VAL A 213 -13.58 -7.72 -16.00
CA VAL A 213 -13.85 -7.64 -17.45
C VAL A 213 -13.29 -6.33 -18.02
N LYS A 214 -12.25 -6.45 -18.83
CA LYS A 214 -11.50 -5.32 -19.40
C LYS A 214 -11.82 -5.03 -20.86
N ALA A 215 -12.39 -6.00 -21.57
CA ALA A 215 -12.79 -5.84 -22.95
C ALA A 215 -14.30 -6.06 -23.09
N LEU A 216 -14.98 -5.10 -23.72
CA LEU A 216 -16.38 -5.19 -24.14
C LEU A 216 -16.50 -4.68 -25.57
N LEU A 217 -17.35 -5.35 -26.33
CA LEU A 217 -17.77 -4.97 -27.67
C LEU A 217 -19.27 -5.19 -27.79
N LEU A 218 -19.90 -4.39 -28.66
CA LEU A 218 -21.28 -4.56 -29.11
C LEU A 218 -21.30 -4.54 -30.64
N ASN A 219 -22.24 -5.27 -31.24
CA ASN A 219 -22.60 -5.07 -32.64
C ASN A 219 -23.43 -3.78 -32.82
N ARG A 220 -23.75 -3.43 -34.08
CA ARG A 220 -24.50 -2.21 -34.44
C ARG A 220 -25.94 -2.14 -33.93
N ASP A 221 -26.60 -3.28 -33.79
CA ASP A 221 -27.99 -3.32 -33.32
C ASP A 221 -28.09 -3.42 -31.80
N GLY A 222 -26.96 -3.57 -31.10
CA GLY A 222 -26.89 -3.77 -29.65
C GLY A 222 -27.42 -5.13 -29.20
N THR A 223 -27.71 -6.06 -30.10
CA THR A 223 -28.34 -7.35 -29.77
C THR A 223 -27.35 -8.36 -29.20
N GLN A 224 -26.05 -8.20 -29.50
CA GLN A 224 -25.00 -9.11 -29.06
C GLN A 224 -23.83 -8.33 -28.48
N CYS A 225 -23.38 -8.78 -27.29
CA CYS A 225 -22.15 -8.30 -26.67
C CYS A 225 -21.09 -9.40 -26.72
N LEU A 226 -19.84 -9.01 -26.90
CA LEU A 226 -18.68 -9.88 -26.81
C LEU A 226 -17.71 -9.33 -25.75
N SER A 227 -17.43 -10.13 -24.73
CA SER A 227 -16.72 -9.69 -23.52
C SER A 227 -15.52 -10.57 -23.23
N GLY A 228 -14.39 -9.96 -22.84
CA GLY A 228 -13.15 -10.64 -22.47
C GLY A 228 -12.76 -10.34 -21.03
N SER A 229 -12.62 -11.39 -20.23
CA SER A 229 -12.25 -11.30 -18.81
C SER A 229 -10.81 -11.76 -18.57
N SER A 230 -10.27 -11.29 -17.46
CA SER A 230 -9.01 -11.75 -16.88
C SER A 230 -9.04 -13.23 -16.42
N ASP A 231 -10.19 -13.92 -16.50
CA ASP A 231 -10.32 -15.38 -16.35
C ASP A 231 -9.92 -16.19 -17.61
N GLY A 232 -9.52 -15.53 -18.70
CA GLY A 232 -9.10 -16.17 -19.95
C GLY A 232 -10.24 -16.54 -20.90
N THR A 233 -11.50 -16.17 -20.56
CA THR A 233 -12.66 -16.46 -21.41
C THR A 233 -13.14 -15.25 -22.20
N ILE A 234 -13.63 -15.55 -23.41
CA ILE A 234 -14.44 -14.66 -24.21
C ILE A 234 -15.87 -15.21 -24.19
N ARG A 235 -16.85 -14.39 -23.81
CA ARG A 235 -18.28 -14.76 -23.81
C ARG A 235 -19.02 -13.91 -24.83
N LEU A 236 -19.76 -14.58 -25.70
CA LEU A 236 -20.78 -13.97 -26.55
C LEU A 236 -22.12 -14.03 -25.81
N TRP A 237 -22.77 -12.87 -25.68
CA TRP A 237 -24.06 -12.68 -25.02
C TRP A 237 -25.15 -12.38 -26.04
N SER A 238 -26.35 -12.90 -25.81
CA SER A 238 -27.58 -12.46 -26.48
C SER A 238 -28.35 -11.56 -25.53
N LEU A 239 -28.32 -10.25 -25.81
CA LEU A 239 -28.99 -9.23 -25.00
C LEU A 239 -30.52 -9.28 -25.14
N GLY A 240 -31.04 -9.91 -26.21
CA GLY A 240 -32.46 -10.26 -26.34
C GLY A 240 -32.93 -11.40 -25.42
N GLN A 241 -32.01 -12.21 -24.88
CA GLN A 241 -32.33 -13.35 -24.00
C GLN A 241 -31.65 -13.26 -22.60
N GLN A 242 -30.93 -12.16 -22.32
CA GLN A 242 -30.23 -11.93 -21.05
C GLN A 242 -29.22 -13.01 -20.65
N ARG A 243 -28.67 -13.75 -21.63
CA ARG A 243 -27.80 -14.92 -21.38
C ARG A 243 -26.56 -14.95 -22.25
N CYS A 244 -25.56 -15.70 -21.79
CA CYS A 244 -24.44 -16.13 -22.62
C CYS A 244 -24.91 -17.22 -23.60
N ILE A 245 -24.48 -17.10 -24.87
CA ILE A 245 -24.80 -18.05 -25.94
C ILE A 245 -23.60 -18.89 -26.39
N ALA A 246 -22.37 -18.44 -26.09
CA ALA A 246 -21.14 -19.16 -26.37
C ALA A 246 -20.00 -18.69 -25.45
N THR A 247 -19.05 -19.57 -25.17
CA THR A 247 -17.82 -19.27 -24.43
C THR A 247 -16.62 -19.84 -25.17
N TYR A 248 -15.55 -19.04 -25.28
CA TYR A 248 -14.35 -19.38 -26.02
C TYR A 248 -13.14 -19.29 -25.08
N ARG A 249 -12.36 -20.37 -25.02
CA ARG A 249 -11.13 -20.48 -24.20
C ARG A 249 -9.95 -20.72 -25.13
N VAL A 250 -9.31 -19.61 -25.51
CA VAL A 250 -8.21 -19.57 -26.50
C VAL A 250 -6.98 -18.82 -25.99
N HIS A 251 -7.02 -18.36 -24.74
CA HIS A 251 -5.94 -17.68 -24.03
C HIS A 251 -5.66 -18.44 -22.73
N ASP A 252 -4.38 -18.62 -22.41
CA ASP A 252 -3.93 -19.29 -21.19
C ASP A 252 -4.05 -18.37 -19.95
N GLU A 253 -4.02 -17.06 -20.17
CA GLU A 253 -4.14 -16.00 -19.17
C GLU A 253 -5.24 -14.98 -19.56
N GLY A 254 -5.42 -13.93 -18.76
CA GLY A 254 -6.47 -12.94 -18.93
C GLY A 254 -6.53 -12.26 -20.31
N VAL A 255 -7.74 -12.13 -20.86
CA VAL A 255 -8.03 -11.40 -22.11
C VAL A 255 -8.25 -9.93 -21.83
N TRP A 256 -7.42 -9.06 -22.42
CA TRP A 256 -7.41 -7.62 -22.14
C TRP A 256 -7.82 -6.78 -23.34
N ALA A 257 -7.57 -7.28 -24.55
CA ALA A 257 -7.95 -6.64 -25.80
C ALA A 257 -8.84 -7.57 -26.63
N LEU A 258 -9.90 -6.98 -27.18
CA LEU A 258 -10.78 -7.59 -28.17
C LEU A 258 -10.96 -6.60 -29.33
N GLN A 259 -11.14 -7.15 -30.53
CA GLN A 259 -11.64 -6.47 -31.71
C GLN A 259 -12.54 -7.46 -32.47
N VAL A 260 -13.48 -6.95 -33.27
CA VAL A 260 -14.42 -7.75 -34.08
C VAL A 260 -14.50 -7.14 -35.47
N ASN A 261 -14.57 -7.96 -36.53
CA ASN A 261 -14.92 -7.49 -37.88
C ASN A 261 -16.35 -6.92 -37.95
N ASP A 262 -16.68 -6.19 -39.01
CA ASP A 262 -17.98 -5.51 -39.13
C ASP A 262 -19.20 -6.44 -39.20
N ALA A 263 -19.04 -7.65 -39.76
CA ALA A 263 -20.07 -8.69 -39.78
C ALA A 263 -20.35 -9.32 -38.40
N PHE A 264 -19.52 -9.06 -37.39
CA PHE A 264 -19.62 -9.63 -36.04
C PHE A 264 -19.50 -11.18 -35.99
N THR A 265 -18.51 -11.70 -36.74
CA THR A 265 -18.30 -13.15 -36.94
C THR A 265 -16.90 -13.63 -36.58
N HIS A 266 -15.90 -12.75 -36.60
CA HIS A 266 -14.51 -13.06 -36.27
C HIS A 266 -14.04 -12.14 -35.16
N VAL A 267 -13.38 -12.70 -34.16
CA VAL A 267 -12.87 -11.97 -33.00
C VAL A 267 -11.35 -12.06 -32.93
N TYR A 268 -10.72 -10.90 -32.87
CA TYR A 268 -9.30 -10.77 -32.63
C TYR A 268 -9.07 -10.56 -31.13
N SER A 269 -8.40 -11.50 -30.46
CA SER A 269 -8.25 -11.50 -29.01
C SER A 269 -6.78 -11.55 -28.59
N GLY A 270 -6.43 -10.74 -27.58
CA GLY A 270 -5.09 -10.65 -27.03
C GLY A 270 -5.09 -10.26 -25.55
N GLY A 271 -4.03 -10.61 -24.83
CA GLY A 271 -3.97 -10.38 -23.39
C GLY A 271 -2.59 -10.62 -22.79
N ARG A 272 -2.59 -11.07 -21.54
CA ARG A 272 -1.37 -11.19 -20.72
C ARG A 272 -0.38 -12.25 -21.20
N ASP A 273 -0.89 -13.25 -21.92
CA ASP A 273 -0.11 -14.33 -22.56
C ASP A 273 0.70 -13.90 -23.79
N ARG A 274 0.59 -12.63 -24.21
CA ARG A 274 1.33 -12.03 -25.33
C ARG A 274 1.02 -12.67 -26.69
N LYS A 275 -0.18 -13.23 -26.88
CA LYS A 275 -0.60 -13.81 -28.16
C LYS A 275 -1.79 -13.05 -28.74
N ILE A 276 -1.92 -13.04 -30.06
CA ILE A 276 -3.11 -12.53 -30.74
C ILE A 276 -3.69 -13.65 -31.61
N TYR A 277 -4.95 -13.98 -31.37
CA TYR A 277 -5.71 -14.96 -32.15
C TYR A 277 -6.77 -14.26 -33.00
N CYS A 278 -7.22 -14.91 -34.06
CA CYS A 278 -8.50 -14.63 -34.71
C CYS A 278 -9.37 -15.91 -34.66
N THR A 279 -10.41 -15.88 -33.82
CA THR A 279 -11.35 -17.00 -33.63
C THR A 279 -12.61 -16.73 -34.46
N ASP A 280 -13.09 -17.71 -35.24
CA ASP A 280 -14.45 -17.65 -35.81
C ASP A 280 -15.48 -17.92 -34.69
N LEU A 281 -16.40 -16.99 -34.48
CA LEU A 281 -17.42 -17.12 -33.43
C LEU A 281 -18.41 -18.25 -33.70
N ARG A 282 -18.63 -18.62 -34.97
CA ARG A 282 -19.56 -19.67 -35.40
C ARG A 282 -18.92 -21.05 -35.28
N ASN A 283 -17.63 -21.16 -35.56
CA ASN A 283 -16.85 -22.40 -35.46
C ASN A 283 -15.54 -22.14 -34.70
N PRO A 284 -15.54 -22.11 -33.35
CA PRO A 284 -14.39 -21.65 -32.55
C PRO A 284 -13.19 -22.60 -32.46
N ASP A 285 -13.32 -23.78 -33.05
CA ASP A 285 -12.24 -24.72 -33.25
C ASP A 285 -11.26 -24.24 -34.33
N ILE A 286 -11.75 -23.60 -35.40
CA ILE A 286 -10.90 -22.91 -36.37
C ILE A 286 -10.46 -21.56 -35.79
N ARG A 287 -9.21 -21.54 -35.30
CA ARG A 287 -8.51 -20.33 -34.93
C ARG A 287 -7.14 -20.30 -35.57
N VAL A 288 -6.62 -19.10 -35.62
CA VAL A 288 -5.30 -18.76 -36.16
C VAL A 288 -4.55 -17.94 -35.12
N LEU A 289 -3.25 -18.19 -34.98
CA LEU A 289 -2.35 -17.32 -34.23
C LEU A 289 -1.77 -16.28 -35.18
N ILE A 290 -2.14 -15.01 -35.02
CA ILE A 290 -1.62 -13.92 -35.86
C ILE A 290 -0.14 -13.70 -35.57
N CYS A 291 0.19 -13.49 -34.29
CA CYS A 291 1.52 -13.12 -33.84
C CYS A 291 1.73 -13.44 -32.35
N GLU A 292 3.01 -13.53 -31.95
CA GLU A 292 3.44 -13.61 -30.56
C GLU A 292 4.22 -12.33 -30.19
N GLU A 293 3.59 -11.48 -29.39
CA GLU A 293 4.06 -10.15 -29.00
C GLU A 293 5.16 -10.23 -27.92
N LYS A 294 5.88 -9.13 -27.66
CA LYS A 294 6.97 -9.09 -26.70
C LYS A 294 6.53 -8.77 -25.27
N ALA A 295 5.39 -8.10 -25.10
CA ALA A 295 4.80 -7.72 -23.82
C ALA A 295 3.28 -7.96 -23.82
N PRO A 296 2.61 -7.97 -22.65
CA PRO A 296 1.16 -8.09 -22.57
C PRO A 296 0.45 -7.10 -23.48
N VAL A 297 -0.56 -7.58 -24.21
CA VAL A 297 -1.38 -6.75 -25.10
C VAL A 297 -2.38 -5.95 -24.26
N LEU A 298 -2.30 -4.62 -24.34
CA LEU A 298 -3.16 -3.69 -23.60
C LEU A 298 -4.38 -3.27 -24.41
N LYS A 299 -4.17 -2.97 -25.70
CA LYS A 299 -5.22 -2.54 -26.61
C LYS A 299 -4.84 -2.94 -28.03
N MET A 300 -5.85 -3.29 -28.81
CA MET A 300 -5.71 -3.50 -30.25
C MET A 300 -6.69 -2.59 -30.95
N GLU A 301 -6.31 -2.13 -32.14
CA GLU A 301 -7.17 -1.37 -33.03
C GLU A 301 -7.03 -1.91 -34.46
N LEU A 302 -8.14 -2.37 -35.04
CA LEU A 302 -8.15 -2.91 -36.40
C LEU A 302 -7.98 -1.80 -37.45
N ASP A 303 -7.28 -2.12 -38.53
CA ASP A 303 -7.39 -1.39 -39.79
C ASP A 303 -8.67 -1.81 -40.53
N ARG A 304 -9.58 -0.85 -40.77
CA ARG A 304 -10.92 -1.07 -41.36
C ARG A 304 -11.06 -0.45 -42.75
N SER A 305 -9.96 -0.40 -43.50
CA SER A 305 -9.92 0.10 -44.89
C SER A 305 -10.34 -0.93 -45.96
N ALA A 306 -10.67 -2.17 -45.57
CA ALA A 306 -11.13 -3.25 -46.44
C ALA A 306 -12.06 -4.23 -45.68
N ASP A 307 -12.82 -5.05 -46.42
CA ASP A 307 -13.85 -5.98 -45.88
C ASP A 307 -13.26 -7.04 -44.90
N PRO A 308 -12.27 -7.86 -45.28
CA PRO A 308 -11.42 -8.53 -44.30
C PRO A 308 -10.36 -7.52 -43.82
N PRO A 309 -10.23 -7.27 -42.49
CA PRO A 309 -9.26 -6.30 -41.97
C PRO A 309 -7.82 -6.62 -42.41
N PRO A 310 -7.11 -5.73 -43.12
CA PRO A 310 -5.80 -6.05 -43.69
C PRO A 310 -4.66 -5.95 -42.67
N ALA A 311 -4.88 -5.25 -41.55
CA ALA A 311 -3.89 -5.04 -40.49
C ALA A 311 -4.53 -4.89 -39.10
N ILE A 312 -3.72 -5.02 -38.05
CA ILE A 312 -4.08 -4.75 -36.66
C ILE A 312 -2.93 -4.00 -35.97
N TRP A 313 -3.24 -2.89 -35.32
CA TRP A 313 -2.32 -2.16 -34.46
C TRP A 313 -2.39 -2.72 -33.04
N VAL A 314 -1.24 -2.99 -32.43
CA VAL A 314 -1.14 -3.61 -31.10
C VAL A 314 -0.32 -2.72 -30.17
N ALA A 315 -0.99 -2.23 -29.14
CA ALA A 315 -0.39 -1.51 -28.01
C ALA A 315 -0.12 -2.48 -26.86
N THR A 316 1.04 -2.32 -26.22
CA THR A 316 1.51 -3.21 -25.14
C THR A 316 1.97 -2.40 -23.93
N THR A 317 2.46 -3.08 -22.88
CA THR A 317 3.18 -2.40 -21.78
C THR A 317 4.53 -1.81 -22.23
N LYS A 318 5.08 -2.24 -23.38
CA LYS A 318 6.30 -1.66 -23.98
C LYS A 318 5.96 -0.40 -24.77
N SER A 319 6.94 0.51 -24.89
CA SER A 319 6.80 1.80 -25.60
C SER A 319 6.69 1.74 -27.13
N THR A 320 6.72 0.56 -27.74
CA THR A 320 6.61 0.41 -29.20
C THR A 320 5.19 -0.01 -29.55
N VAL A 321 4.65 0.55 -30.63
CA VAL A 321 3.37 0.13 -31.22
C VAL A 321 3.66 -0.51 -32.58
N ASN A 322 3.14 -1.72 -32.79
CA ASN A 322 3.36 -2.51 -34.00
C ASN A 322 2.08 -2.61 -34.82
N LYS A 323 2.20 -2.63 -36.15
CA LYS A 323 1.19 -3.08 -37.10
C LYS A 323 1.53 -4.51 -37.53
N TRP A 324 0.55 -5.39 -37.44
CA TRP A 324 0.64 -6.77 -37.90
C TRP A 324 -0.31 -6.97 -39.08
N THR A 325 0.19 -7.53 -40.17
CA THR A 325 -0.60 -7.78 -41.38
C THR A 325 -1.43 -9.06 -41.25
N LEU A 326 -2.72 -8.98 -41.55
CA LEU A 326 -3.70 -10.07 -41.42
C LEU A 326 -3.98 -10.80 -42.75
N LYS A 327 -3.25 -10.48 -43.83
CA LYS A 327 -3.39 -11.20 -45.11
C LYS A 327 -3.01 -12.68 -44.95
N GLY A 328 -3.75 -13.57 -45.62
CA GLY A 328 -3.50 -15.02 -45.53
C GLY A 328 -4.29 -15.73 -44.43
N ILE A 329 -5.13 -15.01 -43.68
CA ILE A 329 -6.14 -15.63 -42.81
C ILE A 329 -7.27 -16.22 -43.65
N HIS A 330 -7.30 -17.54 -43.73
CA HIS A 330 -8.28 -18.33 -44.48
C HIS A 330 -9.60 -18.55 -43.73
N ASN A 340 -4.81 -22.34 -40.87
CA ASN A 340 -4.85 -23.49 -41.79
C ASN A 340 -5.95 -24.50 -41.38
N ASP A 341 -5.57 -25.73 -40.99
CA ASP A 341 -6.51 -26.82 -40.65
C ASP A 341 -6.49 -27.23 -39.16
N CYS A 342 -5.38 -26.99 -38.45
CA CYS A 342 -5.26 -27.35 -37.03
C CYS A 342 -6.27 -26.52 -36.20
N THR A 343 -6.79 -27.07 -35.10
CA THR A 343 -7.71 -26.34 -34.20
C THR A 343 -7.02 -25.29 -33.30
N ASN A 344 -5.71 -25.46 -33.12
CA ASN A 344 -4.87 -24.63 -32.27
C ASN A 344 -3.44 -24.53 -32.85
N PRO A 345 -3.29 -24.00 -34.08
CA PRO A 345 -2.00 -23.90 -34.74
C PRO A 345 -1.04 -23.05 -33.91
N ILE A 346 0.19 -23.55 -33.77
CA ILE A 346 1.23 -22.95 -32.93
C ILE A 346 2.20 -22.11 -33.79
N THR A 347 2.14 -22.24 -35.12
CA THR A 347 2.92 -21.43 -36.06
C THR A 347 2.19 -20.10 -36.30
N PRO A 348 2.71 -18.95 -35.82
CA PRO A 348 2.10 -17.65 -36.10
C PRO A 348 2.11 -17.32 -37.59
N LEU A 349 1.06 -16.66 -38.07
CA LEU A 349 0.95 -16.24 -39.47
C LEU A 349 2.04 -15.21 -39.85
N CYS A 350 2.32 -14.26 -38.96
CA CYS A 350 3.31 -13.21 -39.18
C CYS A 350 4.27 -13.12 -37.99
N THR A 351 5.56 -13.25 -38.29
CA THR A 351 6.66 -13.29 -37.30
C THR A 351 7.44 -11.98 -37.22
N GLN A 352 7.12 -11.02 -38.09
CA GLN A 352 7.68 -9.67 -38.12
C GLN A 352 6.56 -8.66 -38.37
N PRO A 353 6.49 -7.56 -37.61
CA PRO A 353 5.57 -6.46 -37.88
C PRO A 353 5.83 -5.81 -39.24
N ASP A 354 4.75 -5.39 -39.92
CA ASP A 354 4.77 -4.62 -41.18
C ASP A 354 5.11 -3.14 -40.95
N GLN A 355 4.84 -2.61 -39.76
CA GLN A 355 5.16 -1.23 -39.41
C GLN A 355 5.41 -1.09 -37.91
N VAL A 356 6.48 -0.39 -37.53
CA VAL A 356 6.91 -0.24 -36.12
C VAL A 356 7.07 1.23 -35.76
N ILE A 357 6.22 1.73 -34.87
CA ILE A 357 6.39 3.05 -34.26
C ILE A 357 7.38 2.93 -33.10
N LYS A 358 8.54 3.59 -33.26
CA LYS A 358 9.63 3.61 -32.28
C LYS A 358 9.15 4.18 -30.93
N GLY A 359 9.68 3.61 -29.85
CA GLY A 359 9.50 4.08 -28.48
C GLY A 359 10.83 4.45 -27.85
N GLY A 360 10.77 5.26 -26.79
CA GLY A 360 11.91 5.61 -25.94
C GLY A 360 12.11 4.64 -24.77
N ALA A 361 12.80 5.13 -23.75
CA ALA A 361 13.10 4.41 -22.50
C ALA A 361 12.36 5.06 -21.30
N SER A 362 11.86 4.22 -20.40
CA SER A 362 11.21 4.64 -19.15
C SER A 362 12.23 4.65 -18.03
N ILE A 363 12.24 5.68 -17.17
CA ILE A 363 12.96 5.60 -15.89
C ILE A 363 12.24 4.61 -14.97
N ILE A 364 12.99 3.67 -14.40
CA ILE A 364 12.48 2.54 -13.58
C ILE A 364 13.07 2.49 -12.18
N GLN A 365 14.17 3.21 -11.92
CA GLN A 365 14.74 3.42 -10.60
C GLN A 365 15.18 4.88 -10.50
N CYS A 366 14.96 5.50 -9.34
CA CYS A 366 15.49 6.80 -8.97
C CYS A 366 16.13 6.71 -7.60
N HIS A 367 17.27 7.39 -7.42
CA HIS A 367 17.99 7.44 -6.15
C HIS A 367 18.43 8.86 -5.85
N ILE A 368 17.82 9.48 -4.83
CA ILE A 368 18.14 10.84 -4.40
C ILE A 368 19.45 10.81 -3.60
N LEU A 369 20.45 11.56 -4.05
CA LEU A 369 21.74 11.65 -3.37
C LEU A 369 21.69 12.41 -2.04
N ASN A 370 22.77 12.30 -1.25
CA ASN A 370 22.86 12.83 0.11
C ASN A 370 22.77 14.37 0.21
N ASP A 371 23.12 15.08 -0.87
CA ASP A 371 22.90 16.53 -0.97
C ASP A 371 21.42 16.93 -1.15
N LYS A 372 20.53 15.95 -1.37
CA LYS A 372 19.11 16.13 -1.70
C LYS A 372 18.89 17.10 -2.85
N ARG A 373 19.74 17.00 -3.88
CA ARG A 373 19.65 17.84 -5.06
C ARG A 373 19.81 17.06 -6.35
N HIS A 374 20.61 16.00 -6.33
CA HIS A 374 20.79 15.19 -7.53
C HIS A 374 20.07 13.84 -7.44
N ILE A 375 19.56 13.36 -8.57
CA ILE A 375 19.06 11.98 -8.72
C ILE A 375 19.98 11.22 -9.68
N LEU A 376 20.29 9.99 -9.32
CA LEU A 376 20.67 8.95 -10.28
C LEU A 376 19.41 8.21 -10.75
N THR A 377 19.21 8.09 -12.06
CA THR A 377 18.12 7.27 -12.62
C THR A 377 18.64 6.17 -13.51
N LYS A 378 18.08 4.98 -13.39
CA LYS A 378 18.23 3.90 -14.37
C LYS A 378 16.95 3.74 -15.21
N ASP A 379 17.12 3.59 -16.53
CA ASP A 379 16.03 3.35 -17.47
C ASP A 379 15.89 1.87 -17.91
N THR A 380 14.91 1.60 -18.79
CA THR A 380 14.71 0.29 -19.43
C THR A 380 15.86 -0.14 -20.34
N ASN A 381 16.58 0.81 -20.96
CA ASN A 381 17.74 0.51 -21.81
C ASN A 381 19.02 0.20 -21.03
N ASN A 382 18.95 0.27 -19.70
CA ASN A 382 20.02 0.11 -18.72
C ASN A 382 21.00 1.30 -18.68
N ASN A 383 20.55 2.47 -19.11
CA ASN A 383 21.34 3.69 -19.07
C ASN A 383 21.11 4.40 -17.73
N VAL A 384 22.20 4.86 -17.10
CA VAL A 384 22.17 5.69 -15.90
C VAL A 384 22.31 7.16 -16.30
N ALA A 385 21.45 8.03 -15.76
CA ALA A 385 21.50 9.48 -15.96
C ALA A 385 21.63 10.22 -14.63
N TYR A 386 22.27 11.38 -14.68
CA TYR A 386 22.46 12.29 -13.54
C TYR A 386 21.62 13.56 -13.73
N TRP A 387 20.78 13.91 -12.75
CA TRP A 387 19.81 15.01 -12.82
C TRP A 387 20.07 16.04 -11.71
N ASP A 388 19.83 17.33 -11.95
CA ASP A 388 19.73 18.38 -10.92
C ASP A 388 18.24 18.75 -10.73
N VAL A 389 17.67 18.46 -9.56
CA VAL A 389 16.29 18.84 -9.19
C VAL A 389 16.13 20.34 -9.20
N LEU A 390 17.11 21.03 -8.61
CA LEU A 390 16.97 22.44 -8.30
C LEU A 390 16.89 23.27 -9.59
N LYS A 391 17.68 22.92 -10.60
CA LYS A 391 17.59 23.48 -11.95
C LYS A 391 16.63 22.75 -12.89
N ALA A 392 16.06 21.62 -12.49
CA ALA A 392 15.15 20.81 -13.31
C ALA A 392 15.75 20.42 -14.68
N CYS A 393 16.98 19.90 -14.68
CA CYS A 393 17.71 19.54 -15.90
C CYS A 393 18.54 18.26 -15.73
N LYS A 394 18.87 17.63 -16.86
CA LYS A 394 19.90 16.58 -16.89
C LYS A 394 21.29 17.23 -16.83
N VAL A 395 22.19 16.63 -16.05
CA VAL A 395 23.60 17.05 -15.92
C VAL A 395 24.49 16.27 -16.89
N GLU A 396 24.42 14.94 -16.88
CA GLU A 396 25.13 14.05 -17.81
C GLU A 396 24.41 12.69 -17.96
N ASP A 397 24.61 12.02 -19.10
CA ASP A 397 24.26 10.61 -19.30
C ASP A 397 25.50 9.73 -19.08
N LEU A 398 25.45 8.85 -18.08
CA LEU A 398 26.58 8.04 -17.61
C LEU A 398 26.75 6.72 -18.40
N GLY A 399 25.92 6.47 -19.42
CA GLY A 399 25.93 5.22 -20.16
C GLY A 399 25.47 4.02 -19.31
N LYS A 400 25.91 2.80 -19.66
CA LYS A 400 25.43 1.55 -19.05
C LYS A 400 26.25 1.10 -17.84
N VAL A 401 26.62 2.06 -16.99
CA VAL A 401 27.35 1.80 -15.75
C VAL A 401 26.46 1.11 -14.71
N ASP A 402 27.07 0.37 -13.78
CA ASP A 402 26.33 -0.29 -12.71
C ASP A 402 25.70 0.74 -11.76
N PHE A 403 24.43 0.55 -11.43
CA PHE A 403 23.65 1.54 -10.69
C PHE A 403 24.05 1.61 -9.21
N GLU A 404 24.22 0.47 -8.55
CA GLU A 404 24.60 0.39 -7.14
C GLU A 404 26.06 0.80 -6.89
N ASP A 405 26.94 0.54 -7.86
CA ASP A 405 28.32 1.05 -7.83
C ASP A 405 28.37 2.57 -8.09
N GLU A 406 27.59 3.09 -9.04
CA GLU A 406 27.51 4.53 -9.29
C GLU A 406 26.92 5.33 -8.12
N ILE A 407 25.96 4.73 -7.39
CA ILE A 407 25.47 5.26 -6.10
C ILE A 407 26.60 5.30 -5.06
N LYS A 408 27.38 4.22 -4.93
CA LYS A 408 28.52 4.16 -3.99
C LYS A 408 29.62 5.18 -4.32
N LYS A 409 29.97 5.37 -5.59
CA LYS A 409 30.98 6.37 -6.03
C LYS A 409 30.58 7.79 -5.65
N ARG A 410 29.28 8.11 -5.74
CA ARG A 410 28.72 9.45 -5.48
C ARG A 410 28.22 9.65 -4.05
N PHE A 411 28.51 8.72 -3.13
CA PHE A 411 28.27 8.95 -1.71
C PHE A 411 29.07 10.15 -1.20
N LYS A 412 28.39 11.06 -0.49
CA LYS A 412 29.00 12.20 0.19
C LYS A 412 28.58 12.21 1.66
N MET A 413 29.52 12.49 2.56
CA MET A 413 29.27 12.60 4.00
C MET A 413 28.57 13.93 4.36
N VAL A 414 27.31 14.06 3.94
CA VAL A 414 26.46 15.24 4.18
C VAL A 414 25.03 14.78 4.43
N TYR A 415 24.29 15.48 5.28
CA TYR A 415 22.86 15.27 5.46
C TYR A 415 22.09 16.55 5.17
N VAL A 416 21.12 16.42 4.26
CA VAL A 416 20.09 17.43 4.00
C VAL A 416 18.73 16.76 4.23
N PRO A 417 17.80 17.37 4.98
CA PRO A 417 16.47 16.81 5.20
C PRO A 417 15.75 16.62 3.86
N ASN A 418 14.99 15.53 3.74
CA ASN A 418 14.20 15.31 2.53
C ASN A 418 13.13 16.41 2.38
N TRP A 419 12.93 16.89 1.15
CA TRP A 419 12.08 18.04 0.85
C TRP A 419 11.29 17.90 -0.47
N PHE A 420 11.40 16.75 -1.13
CA PHE A 420 10.60 16.41 -2.31
C PHE A 420 10.43 14.89 -2.42
N SER A 421 9.39 14.50 -3.15
CA SER A 421 9.15 13.12 -3.59
C SER A 421 9.41 12.98 -5.09
N VAL A 422 9.76 11.77 -5.53
CA VAL A 422 9.96 11.45 -6.94
C VAL A 422 8.94 10.39 -7.37
N ASP A 423 8.22 10.65 -8.47
CA ASP A 423 7.31 9.66 -9.07
C ASP A 423 7.76 9.37 -10.52
N LEU A 424 7.70 8.09 -10.88
CA LEU A 424 8.11 7.52 -12.15
C LEU A 424 6.93 7.01 -12.98
N LYS A 425 5.68 7.24 -12.53
CA LYS A 425 4.44 6.80 -13.20
C LYS A 425 4.38 7.04 -14.70
N THR A 426 4.88 8.20 -15.15
CA THR A 426 4.90 8.65 -16.54
C THR A 426 6.16 8.22 -17.32
N GLY A 427 7.07 7.45 -16.71
CA GLY A 427 8.36 7.04 -17.31
C GLY A 427 9.39 8.17 -17.42
N MET A 428 9.08 9.36 -16.89
CA MET A 428 9.94 10.54 -16.77
C MET A 428 9.82 11.12 -15.35
N LEU A 429 10.86 11.79 -14.86
CA LEU A 429 10.91 12.34 -13.50
C LEU A 429 9.78 13.34 -13.26
N THR A 430 8.97 13.06 -12.24
CA THR A 430 8.04 14.02 -11.64
C THR A 430 8.48 14.28 -10.21
N ILE A 431 8.69 15.54 -9.85
CA ILE A 431 9.11 15.97 -8.52
C ILE A 431 7.92 16.63 -7.84
N THR A 432 7.56 16.20 -6.63
CA THR A 432 6.42 16.70 -5.85
C THR A 432 6.90 17.39 -4.57
N LEU A 433 6.26 18.51 -4.23
CA LEU A 433 6.48 19.32 -3.05
C LEU A 433 5.17 19.41 -2.26
N ASP A 434 5.24 19.20 -0.94
CA ASP A 434 4.14 19.37 0.01
C ASP A 434 4.60 20.31 1.13
N GLU A 435 3.66 21.02 1.79
CA GLU A 435 3.94 21.95 2.92
C GLU A 435 4.72 21.26 4.05
N SER A 436 4.51 19.96 4.24
CA SER A 436 5.07 19.18 5.35
C SER A 436 6.60 19.18 5.40
N ASP A 437 7.24 19.18 4.22
CA ASP A 437 8.65 18.87 4.05
C ASP A 437 9.34 19.70 2.95
N CYS A 438 8.61 20.35 2.04
CA CYS A 438 9.15 21.25 1.00
C CYS A 438 10.16 22.27 1.56
N PHE A 439 9.84 22.82 2.75
CA PHE A 439 10.63 23.86 3.39
C PHE A 439 11.65 23.37 4.42
N ALA A 440 11.83 22.06 4.59
CA ALA A 440 12.74 21.51 5.59
C ALA A 440 14.23 21.53 5.19
N ALA A 441 14.55 21.90 3.94
CA ALA A 441 15.91 21.89 3.40
C ALA A 441 16.55 23.28 3.32
N TRP A 442 17.10 23.72 4.44
CA TRP A 442 18.07 24.81 4.48
C TRP A 442 19.50 24.32 4.14
N VAL A 443 20.27 25.10 3.37
CA VAL A 443 21.62 24.78 2.87
C VAL A 443 22.43 26.08 2.66
N SER A 444 23.74 26.11 2.95
CA SER A 444 24.58 27.29 2.63
C SER A 444 24.69 27.50 1.11
N ALA A 445 24.80 28.75 0.65
CA ALA A 445 25.01 29.04 -0.77
C ALA A 445 26.23 28.31 -1.35
N LYS A 446 27.34 28.24 -0.58
CA LYS A 446 28.56 27.50 -0.94
C LYS A 446 28.33 26.00 -1.11
N ASP A 447 27.60 25.39 -0.18
CA ASP A 447 27.25 23.97 -0.21
C ASP A 447 26.29 23.63 -1.38
N ALA A 448 25.38 24.55 -1.71
CA ALA A 448 24.53 24.50 -2.90
C ALA A 448 25.20 25.00 -4.19
N GLY A 449 26.52 25.22 -4.21
CA GLY A 449 27.27 25.56 -5.43
C GLY A 449 27.01 26.98 -5.98
N PHE A 450 26.39 27.87 -5.21
CA PHE A 450 26.23 29.29 -5.55
C PHE A 450 27.16 30.18 -4.71
N SER A 451 27.46 31.38 -5.20
CA SER A 451 28.33 32.36 -4.53
C SER A 451 28.10 33.76 -5.09
N SER A 452 28.55 34.79 -4.36
CA SER A 452 28.35 36.20 -4.72
C SER A 452 29.58 37.06 -4.40
N GLY A 455 30.17 38.58 -1.72
CA GLY A 455 31.26 37.69 -1.29
C GLY A 455 30.95 36.96 0.02
N SER A 456 29.66 36.74 0.30
CA SER A 456 29.14 36.14 1.53
C SER A 456 28.76 34.66 1.33
N ASP A 457 28.39 33.98 2.41
CA ASP A 457 27.84 32.63 2.46
C ASP A 457 26.39 32.61 3.02
N PRO A 458 25.42 33.25 2.34
CA PRO A 458 24.05 33.31 2.82
C PRO A 458 23.42 31.92 2.93
N LYS A 459 22.32 31.87 3.67
CA LYS A 459 21.62 30.63 3.95
C LYS A 459 20.34 30.53 3.13
N LEU A 460 20.23 29.47 2.34
CA LEU A 460 19.22 29.28 1.31
C LEU A 460 18.25 28.16 1.68
N ASN A 461 16.96 28.30 1.34
CA ASN A 461 15.97 27.22 1.44
C ASN A 461 15.66 26.67 0.03
N LEU A 462 15.88 25.38 -0.20
CA LEU A 462 15.79 24.80 -1.54
C LEU A 462 14.37 24.77 -2.11
N GLY A 463 13.38 24.42 -1.29
CA GLY A 463 11.96 24.44 -1.67
C GLY A 463 11.46 25.85 -1.98
N GLY A 464 11.93 26.85 -1.23
CA GLY A 464 11.63 28.26 -1.50
C GLY A 464 12.18 28.73 -2.83
N LEU A 465 13.47 28.55 -3.07
CA LEU A 465 14.11 28.93 -4.33
C LEU A 465 13.47 28.24 -5.54
N LEU A 466 13.11 26.96 -5.39
CA LEU A 466 12.46 26.21 -6.46
C LEU A 466 11.04 26.71 -6.74
N LEU A 467 10.24 27.00 -5.72
CA LEU A 467 8.90 27.60 -5.89
C LEU A 467 8.97 28.99 -6.55
N GLN A 468 9.93 29.82 -6.15
CA GLN A 468 10.14 31.13 -6.78
C GLN A 468 10.57 31.02 -8.24
N ALA A 469 11.38 30.01 -8.61
CA ALA A 469 11.79 29.75 -10.00
C ALA A 469 10.66 29.11 -10.83
N LEU A 470 9.87 28.19 -10.25
CA LEU A 470 8.79 27.48 -10.94
C LEU A 470 7.71 28.42 -11.47
N LEU A 471 7.42 29.50 -10.77
CA LEU A 471 6.38 30.46 -11.15
C LEU A 471 6.87 31.92 -11.14
N GLU A 472 8.14 32.14 -11.49
CA GLU A 472 8.74 33.48 -11.66
C GLU A 472 8.04 34.35 -12.72
N TYR A 473 7.37 33.74 -13.69
CA TYR A 473 6.58 34.43 -14.70
C TYR A 473 5.21 34.92 -14.21
N TRP A 474 4.77 34.60 -12.97
CA TRP A 474 3.52 35.13 -12.42
C TRP A 474 3.70 36.63 -12.10
N PRO A 475 2.93 37.57 -12.70
CA PRO A 475 2.99 38.99 -12.37
C PRO A 475 2.88 39.31 -10.87
N ARG A 476 2.12 38.49 -10.12
CA ARG A 476 1.94 38.63 -8.65
C ARG A 476 3.23 38.39 -7.83
N THR A 477 4.27 37.79 -8.43
CA THR A 477 5.53 37.39 -7.77
C THR A 477 6.70 38.37 -8.04
N HIS A 478 6.52 39.34 -8.95
CA HIS A 478 7.53 40.35 -9.29
C HIS A 478 7.63 41.43 -8.21
N VAL A 479 8.74 42.18 -8.18
CA VAL A 479 9.03 43.18 -7.14
C VAL A 479 8.98 44.61 -7.70
N LYS A 502 12.60 39.73 -10.15
CA LYS A 502 11.94 38.61 -10.83
C LYS A 502 12.71 37.31 -10.56
N GLY A 503 12.01 36.26 -10.11
CA GLY A 503 12.60 34.97 -9.77
C GLY A 503 13.43 34.97 -8.47
N ASN A 504 14.09 33.84 -8.18
CA ASN A 504 14.90 33.66 -6.97
C ASN A 504 16.27 34.36 -6.96
N GLY A 505 16.74 34.84 -8.13
CA GLY A 505 18.06 35.48 -8.30
C GLY A 505 19.29 34.55 -8.31
N TYR A 506 19.11 33.23 -8.31
CA TYR A 506 20.19 32.22 -8.30
C TYR A 506 20.14 31.22 -9.45
N PHE A 507 18.95 30.78 -9.86
CA PHE A 507 18.76 29.83 -10.96
C PHE A 507 17.32 29.92 -11.50
N GLN A 508 17.19 29.58 -12.77
CA GLN A 508 15.90 29.47 -13.46
C GLN A 508 15.71 28.01 -13.90
N VAL A 509 14.49 27.50 -13.76
CA VAL A 509 14.09 26.23 -14.38
C VAL A 509 13.88 26.43 -15.90
N PRO A 510 13.90 25.38 -16.73
CA PRO A 510 13.60 25.50 -18.15
C PRO A 510 12.19 26.11 -18.38
N PRO A 511 12.00 27.03 -19.33
CA PRO A 511 10.71 27.70 -19.54
C PRO A 511 9.57 26.75 -19.95
N HIS A 512 9.92 25.62 -20.57
CA HIS A 512 8.97 24.56 -20.96
C HIS A 512 8.54 23.64 -19.81
N THR A 513 9.13 23.76 -18.61
CA THR A 513 8.87 22.85 -17.49
C THR A 513 7.37 22.93 -17.11
N PRO A 514 6.57 21.86 -17.27
CA PRO A 514 5.22 21.84 -16.75
C PRO A 514 5.23 21.90 -15.22
N VAL A 515 4.32 22.72 -14.70
CA VAL A 515 3.99 22.90 -13.29
C VAL A 515 2.56 22.43 -13.07
N ILE A 516 2.37 21.60 -12.06
CA ILE A 516 1.10 20.96 -11.71
C ILE A 516 0.74 21.35 -10.29
N PHE A 517 -0.52 21.70 -10.09
CA PHE A 517 -1.14 21.87 -8.79
C PHE A 517 -2.21 20.78 -8.64
N GLY A 518 -1.92 19.77 -7.82
CA GLY A 518 -2.80 18.61 -7.61
C GLY A 518 -3.10 18.40 -6.13
N GLU A 519 -4.05 17.51 -5.84
CA GLU A 519 -4.29 17.04 -4.48
C GLU A 519 -3.68 15.65 -4.27
N ALA A 520 -3.27 15.37 -3.02
CA ALA A 520 -2.85 14.03 -2.60
C ALA A 520 -4.00 13.03 -2.85
N GLY A 521 -3.76 12.10 -3.79
CA GLY A 521 -4.78 11.20 -4.36
C GLY A 521 -4.86 11.20 -5.90
N GLY A 522 -4.12 12.08 -6.59
CA GLY A 522 -4.02 12.10 -8.05
C GLY A 522 -4.98 13.04 -8.77
N ARG A 523 -5.85 13.76 -8.02
CA ARG A 523 -6.76 14.75 -8.60
C ARG A 523 -6.02 16.05 -8.93
N THR A 524 -5.83 16.33 -10.22
CA THR A 524 -5.18 17.58 -10.65
C THR A 524 -6.15 18.74 -10.66
N LEU A 525 -5.75 19.89 -10.10
CA LEU A 525 -6.52 21.14 -10.11
C LEU A 525 -6.17 21.98 -11.32
N PHE A 526 -4.87 22.24 -11.51
CA PHE A 526 -4.36 23.05 -12.63
C PHE A 526 -3.00 22.53 -13.11
N ARG A 527 -2.75 22.67 -14.42
CA ARG A 527 -1.47 22.42 -15.08
C ARG A 527 -1.19 23.59 -16.02
N LEU A 528 0.02 24.09 -16.00
CA LEU A 528 0.55 25.09 -16.92
C LEU A 528 2.04 24.84 -17.18
N LEU A 529 2.63 25.46 -18.19
CA LEU A 529 4.09 25.52 -18.34
C LEU A 529 4.63 26.75 -17.58
N CYS A 530 5.86 26.69 -17.10
CA CYS A 530 6.50 27.75 -16.32
C CYS A 530 6.43 29.14 -16.99
N ARG A 531 6.58 29.19 -18.33
CA ARG A 531 6.50 30.43 -19.14
C ARG A 531 5.09 31.00 -19.38
N ASP A 532 4.04 30.21 -19.15
CA ASP A 532 2.66 30.58 -19.50
C ASP A 532 1.94 31.33 -18.35
N SER A 533 2.59 31.53 -17.19
CA SER A 533 2.01 32.23 -16.02
C SER A 533 1.72 33.72 -16.21
N GLY A 534 2.17 34.32 -17.32
CA GLY A 534 1.93 35.73 -17.66
C GLY A 534 0.58 36.01 -18.35
N GLY A 535 -0.09 34.98 -18.88
CA GLY A 535 -1.40 35.11 -19.53
C GLY A 535 -2.53 35.38 -18.54
N GLU A 536 -3.62 36.00 -19.02
CA GLU A 536 -4.76 36.40 -18.20
C GLU A 536 -5.47 35.19 -17.58
N THR A 537 -5.72 34.14 -18.37
CA THR A 537 -6.42 32.94 -17.93
C THR A 537 -5.57 32.10 -16.97
N GLU A 538 -4.27 31.98 -17.21
CA GLU A 538 -3.33 31.33 -16.31
C GLU A 538 -3.16 32.12 -15.00
N SER A 539 -3.07 33.45 -15.06
CA SER A 539 -2.99 34.30 -13.85
C SER A 539 -4.24 34.25 -12.98
N MET A 540 -5.44 34.13 -13.56
CA MET A 540 -6.68 33.93 -12.81
C MET A 540 -6.77 32.53 -12.21
N LEU A 541 -6.41 31.49 -12.98
CA LEU A 541 -6.42 30.11 -12.49
C LEU A 541 -5.34 29.86 -11.42
N LEU A 542 -4.20 30.59 -11.45
CA LEU A 542 -3.23 30.61 -10.35
C LEU A 542 -3.76 31.34 -9.11
N ASN A 543 -4.47 32.47 -9.24
CA ASN A 543 -5.16 33.10 -8.10
C ASN A 543 -6.23 32.19 -7.46
N GLU A 544 -6.89 31.34 -8.24
CA GLU A 544 -7.88 30.35 -7.76
C GLU A 544 -7.29 29.01 -7.31
N THR A 545 -6.01 28.70 -7.59
CA THR A 545 -5.44 27.35 -7.39
C THR A 545 -4.17 27.31 -6.53
N VAL A 546 -3.31 28.34 -6.56
CA VAL A 546 -2.05 28.33 -5.81
C VAL A 546 -2.37 28.31 -4.31
N PRO A 547 -1.91 27.28 -3.55
CA PRO A 547 -2.20 27.19 -2.12
C PRO A 547 -1.46 28.27 -1.31
N GLN A 548 -2.02 28.63 -0.15
CA GLN A 548 -1.44 29.67 0.71
C GLN A 548 0.00 29.38 1.17
N TRP A 549 0.33 28.10 1.44
CA TRP A 549 1.69 27.67 1.80
C TRP A 549 2.75 27.93 0.72
N VAL A 550 2.34 28.14 -0.55
CA VAL A 550 3.21 28.61 -1.64
C VAL A 550 3.20 30.15 -1.74
N ILE A 551 2.05 30.79 -1.52
CA ILE A 551 1.85 32.25 -1.56
C ILE A 551 2.67 32.97 -0.48
N ASP A 552 2.75 32.44 0.74
CA ASP A 552 3.54 33.04 1.84
C ASP A 552 5.03 33.25 1.49
N ILE A 553 5.66 32.24 0.87
CA ILE A 553 7.07 32.32 0.49
C ILE A 553 7.26 32.98 -0.88
N THR A 554 6.35 32.74 -1.81
CA THR A 554 6.53 33.15 -3.21
C THR A 554 6.05 34.58 -3.47
N VAL A 555 4.87 34.93 -2.95
CA VAL A 555 4.18 36.21 -3.16
C VAL A 555 4.43 37.19 -2.00
N ASP A 556 4.21 36.76 -0.75
CA ASP A 556 4.46 37.59 0.45
C ASP A 556 5.96 37.68 0.81
N LYS A 557 6.78 36.82 0.19
CA LYS A 557 8.27 36.86 0.22
C LYS A 557 8.83 36.80 1.65
N ASN A 558 8.08 36.22 2.58
CA ASN A 558 8.54 35.95 3.95
C ASN A 558 9.20 34.55 4.01
N MET A 559 10.09 34.32 5.00
CA MET A 559 10.97 33.14 4.97
C MET A 559 10.65 32.06 6.04
N PRO A 560 10.71 30.76 5.64
CA PRO A 560 10.27 29.63 6.47
C PRO A 560 11.01 29.54 7.82
N LYS A 561 10.40 28.81 8.76
CA LYS A 561 11.02 28.54 10.06
C LYS A 561 12.39 27.85 9.90
N PHE A 562 13.40 28.37 10.60
CA PHE A 562 14.62 27.61 10.84
C PHE A 562 14.32 26.43 11.76
N ASN A 563 14.89 25.29 11.42
CA ASN A 563 14.94 24.16 12.34
C ASN A 563 16.16 24.30 13.27
N LYS A 564 15.95 23.93 14.53
CA LYS A 564 17.00 23.88 15.56
C LYS A 564 17.00 22.50 16.19
N ILE A 565 18.19 21.94 16.37
CA ILE A 565 18.39 20.70 17.11
C ILE A 565 19.01 21.01 18.48
N PRO A 566 18.51 20.39 19.55
CA PRO A 566 19.20 20.43 20.82
C PRO A 566 20.38 19.43 20.86
N PHE A 567 21.33 19.73 21.73
CA PHE A 567 22.49 18.88 22.00
C PHE A 567 23.04 19.17 23.40
N TYR A 568 23.78 18.22 23.96
CA TYR A 568 24.53 18.43 25.21
C TYR A 568 26.02 18.54 24.91
N LEU A 569 26.67 19.54 25.50
CA LEU A 569 28.11 19.74 25.42
C LEU A 569 28.74 19.37 26.77
N GLN A 570 29.25 18.14 26.90
CA GLN A 570 29.82 17.61 28.13
C GLN A 570 31.34 17.48 27.99
N PRO A 571 32.18 17.78 29.00
CA PRO A 571 33.61 17.46 28.90
C PRO A 571 33.84 15.96 28.69
N HIS A 572 34.73 15.58 27.76
CA HIS A 572 35.10 14.17 27.58
C HIS A 572 35.97 13.71 28.75
N ALA A 573 35.60 12.58 29.34
CA ALA A 573 36.38 11.96 30.40
C ALA A 573 37.69 11.38 29.84
N LYS A 581 29.60 22.97 34.40
CA LYS A 581 29.99 23.23 33.00
C LYS A 581 29.05 22.58 31.98
N LYS A 582 28.27 21.58 32.42
CA LYS A 582 27.24 20.90 31.64
C LYS A 582 25.99 21.79 31.57
N ASP A 583 25.44 21.87 30.37
CA ASP A 583 24.16 22.51 30.06
C ASP A 583 23.54 21.84 28.81
N ARG A 584 22.20 21.89 28.69
CA ARG A 584 21.51 21.52 27.45
C ARG A 584 21.47 22.74 26.54
N LEU A 585 21.88 22.59 25.28
CA LEU A 585 21.91 23.66 24.30
C LEU A 585 20.92 23.41 23.17
N SER A 586 20.68 24.45 22.37
CA SER A 586 19.96 24.41 21.10
C SER A 586 20.66 25.34 20.11
N ALA A 587 20.89 24.87 18.88
CA ALA A 587 21.47 25.67 17.80
C ALA A 587 20.85 25.29 16.46
N SER A 588 21.16 26.05 15.40
CA SER A 588 20.69 25.71 14.06
C SER A 588 21.23 24.33 13.64
N ASP A 589 20.42 23.55 12.93
CA ASP A 589 20.81 22.19 12.49
C ASP A 589 22.08 22.18 11.62
N MET A 590 22.33 23.31 10.95
CA MET A 590 23.45 23.55 10.03
C MET A 590 24.70 24.16 10.67
N LEU A 591 24.66 24.43 11.98
CA LEU A 591 25.81 25.04 12.63
C LEU A 591 27.04 24.13 12.40
N GLN A 592 28.11 24.68 11.84
CA GLN A 592 29.36 23.95 11.69
C GLN A 592 29.97 23.67 13.06
N VAL A 593 30.62 22.51 13.19
CA VAL A 593 31.37 22.12 14.39
C VAL A 593 32.47 23.13 14.75
N ARG A 594 33.02 23.87 13.79
CA ARG A 594 33.93 25.00 14.02
C ARG A 594 33.36 26.11 14.93
N LYS A 595 32.07 26.40 14.86
CA LYS A 595 31.43 27.38 15.76
C LYS A 595 31.11 26.80 17.15
N VAL A 596 30.92 25.48 17.24
CA VAL A 596 30.90 24.80 18.55
C VAL A 596 32.29 24.74 19.17
N MET A 597 33.35 24.60 18.38
CA MET A 597 34.75 24.70 18.84
C MET A 597 35.06 26.09 19.41
N GLU A 598 34.69 27.14 18.66
CA GLU A 598 34.76 28.53 19.12
C GLU A 598 34.03 28.74 20.45
N HIS A 599 32.76 28.32 20.54
CA HIS A 599 31.97 28.43 21.76
C HIS A 599 32.60 27.74 22.97
N VAL A 600 33.22 26.57 22.79
CA VAL A 600 33.92 25.88 23.88
C VAL A 600 35.20 26.62 24.28
N TYR A 601 36.03 27.00 23.30
CA TYR A 601 37.29 27.69 23.54
C TYR A 601 37.08 29.06 24.23
N GLU A 602 35.96 29.74 23.92
CA GLU A 602 35.65 31.04 24.54
C GLU A 602 34.79 30.99 25.81
N LYS A 603 34.02 29.91 26.05
CA LYS A 603 33.14 29.80 27.24
C LYS A 603 33.68 28.88 28.33
N ILE A 604 34.52 27.91 27.99
CA ILE A 604 35.17 27.02 28.97
C ILE A 604 36.66 27.37 29.20
N ILE A 605 37.36 27.97 28.23
CA ILE A 605 38.79 28.38 28.35
C ILE A 605 38.95 29.88 27.98
N ASN A 606 38.40 30.75 28.82
CA ASN A 606 38.46 32.21 28.60
C ASN A 606 39.75 32.89 29.11
N LEU A 607 40.77 32.12 29.51
CA LEU A 607 42.07 32.63 29.97
C LEU A 607 43.11 32.54 28.83
N GLU A 629 47.07 37.14 17.74
CA GLU A 629 46.62 36.01 16.91
C GLU A 629 45.10 35.96 16.68
N ASP A 630 44.66 35.35 15.57
CA ASP A 630 43.24 35.18 15.25
C ASP A 630 42.56 34.20 16.22
N ILE A 631 41.43 34.62 16.79
CA ILE A 631 40.71 33.86 17.81
C ILE A 631 40.15 32.53 17.29
N ALA A 632 39.70 32.50 16.03
CA ALA A 632 39.12 31.30 15.43
C ALA A 632 40.16 30.22 15.08
N VAL A 633 41.40 30.65 14.78
CA VAL A 633 42.55 29.74 14.59
C VAL A 633 42.98 29.11 15.91
N LEU A 634 43.05 29.89 17.00
CA LEU A 634 43.29 29.33 18.34
C LEU A 634 42.15 28.41 18.77
N ALA A 635 40.90 28.74 18.45
CA ALA A 635 39.78 27.87 18.80
C ALA A 635 39.85 26.49 18.12
N GLU A 636 40.07 26.44 16.81
CA GLU A 636 40.13 25.17 16.05
C GLU A 636 41.37 24.32 16.38
N GLU A 637 42.53 24.97 16.62
CA GLU A 637 43.78 24.29 16.98
C GLU A 637 43.93 24.01 18.47
N LYS A 638 43.03 24.48 19.34
CA LYS A 638 43.11 24.22 20.79
C LYS A 638 42.12 23.19 21.30
N ILE A 639 40.91 23.15 20.74
CA ILE A 639 39.81 22.27 21.21
C ILE A 639 39.48 21.18 20.19
N GLU A 640 39.30 19.93 20.63
CA GLU A 640 38.72 18.86 19.81
C GLU A 640 37.31 18.50 20.27
N LEU A 641 36.47 18.11 19.31
CA LEU A 641 35.13 17.59 19.55
C LEU A 641 35.10 16.10 19.20
N LEU A 642 34.50 15.32 20.11
CA LEU A 642 34.28 13.89 20.04
C LEU A 642 32.77 13.63 20.07
N CYS A 643 32.32 12.60 19.35
CA CYS A 643 30.96 12.06 19.45
C CYS A 643 31.03 10.56 19.15
N GLN A 644 30.55 9.72 20.08
CA GLN A 644 30.70 8.26 19.99
C GLN A 644 32.18 7.81 19.81
N ASP A 645 33.11 8.48 20.50
CA ASP A 645 34.57 8.30 20.41
C ASP A 645 35.22 8.61 19.04
N GLN A 646 34.47 9.16 18.09
CA GLN A 646 34.98 9.67 16.81
C GLN A 646 35.27 11.17 16.92
N VAL A 647 36.48 11.61 16.53
CA VAL A 647 36.79 13.04 16.43
C VAL A 647 36.04 13.63 15.24
N LEU A 648 35.27 14.68 15.49
CA LEU A 648 34.42 15.32 14.51
C LEU A 648 35.26 16.15 13.53
N ASP A 649 34.86 16.12 12.26
CA ASP A 649 35.39 17.04 11.26
C ASP A 649 34.98 18.48 11.64
N PRO A 650 35.92 19.43 11.75
CA PRO A 650 35.63 20.84 12.03
C PRO A 650 34.56 21.46 11.12
N ASN A 651 34.43 21.00 9.87
CA ASN A 651 33.47 21.54 8.91
C ASN A 651 32.11 20.81 8.87
N MET A 652 31.95 19.70 9.60
CA MET A 652 30.69 18.96 9.63
C MET A 652 29.56 19.83 10.21
N ASP A 653 28.36 19.81 9.62
CA ASP A 653 27.18 20.39 10.26
C ASP A 653 26.56 19.40 11.26
N LEU A 654 25.90 19.96 12.28
CA LEU A 654 25.27 19.19 13.36
C LEU A 654 24.23 18.17 12.87
N ARG A 655 23.53 18.45 11.75
CA ARG A 655 22.70 17.48 11.00
C ARG A 655 23.46 16.21 10.66
N THR A 656 24.58 16.36 9.98
CA THR A 656 25.39 15.25 9.48
C THR A 656 26.01 14.44 10.62
N VAL A 657 26.41 15.12 11.71
CA VAL A 657 26.86 14.45 12.95
C VAL A 657 25.75 13.61 13.58
N LYS A 658 24.55 14.20 13.75
CA LYS A 658 23.37 13.50 14.31
C LYS A 658 22.88 12.34 13.43
N HIS A 659 23.09 12.40 12.11
CA HIS A 659 22.58 11.40 11.18
C HIS A 659 23.55 10.21 10.94
N PHE A 660 24.87 10.44 10.99
CA PHE A 660 25.86 9.40 10.69
C PHE A 660 26.70 8.94 11.91
N ILE A 661 27.20 9.92 12.67
CA ILE A 661 28.17 9.66 13.75
C ILE A 661 27.46 9.32 15.07
N TRP A 662 26.19 9.74 15.21
CA TRP A 662 25.33 9.44 16.36
C TRP A 662 24.38 8.27 16.11
N LYS A 663 24.83 7.04 16.43
CA LYS A 663 24.00 5.82 16.35
C LYS A 663 23.18 5.54 17.61
N SER A 664 23.65 6.04 18.76
CA SER A 664 22.92 5.92 20.02
C SER A 664 21.57 6.66 19.97
N GLY A 665 20.60 6.23 20.78
CA GLY A 665 19.31 6.92 20.89
C GLY A 665 19.38 8.19 21.76
N GLY A 666 18.29 8.96 21.76
CA GLY A 666 18.18 10.21 22.51
C GLY A 666 18.73 11.45 21.78
N ASP A 667 18.80 12.55 22.52
CA ASP A 667 19.40 13.82 22.07
C ASP A 667 20.89 13.63 21.79
N LEU A 668 21.41 14.32 20.78
CA LEU A 668 22.83 14.26 20.43
C LEU A 668 23.71 14.74 21.61
N THR A 669 24.71 13.94 22.02
CA THR A 669 25.74 14.39 22.98
C THR A 669 27.10 14.54 22.30
N LEU A 670 27.80 15.61 22.65
CA LEU A 670 29.14 15.94 22.19
C LEU A 670 30.05 15.99 23.41
N HIS A 671 31.30 15.58 23.19
CA HIS A 671 32.35 15.69 24.18
C HIS A 671 33.55 16.46 23.65
N TYR A 672 34.31 17.09 24.54
CA TYR A 672 35.45 17.93 24.15
C TYR A 672 36.68 17.74 25.02
N ARG A 673 37.86 18.00 24.44
CA ARG A 673 39.19 17.98 25.08
C ARG A 673 40.13 18.99 24.44
N GLN A 674 41.31 19.15 25.02
CA GLN A 674 42.37 20.03 24.54
C GLN A 674 43.46 19.26 23.79
N LYS A 675 43.94 19.84 22.68
CA LYS A 675 44.94 19.26 21.78
C LYS A 675 46.27 18.96 22.50
N ASN B 84 -7.07 -18.20 43.88
CA ASN B 84 -6.96 -16.84 44.50
C ASN B 84 -6.93 -15.79 43.42
N ASN B 85 -7.18 -14.55 43.84
CA ASN B 85 -6.95 -13.37 43.03
C ASN B 85 -5.82 -12.46 43.57
N LEU B 86 -5.93 -11.94 44.81
CA LEU B 86 -4.97 -10.96 45.38
C LEU B 86 -4.91 -9.63 44.60
N GLY B 87 -6.08 -9.09 44.25
CA GLY B 87 -6.20 -7.79 43.56
C GLY B 87 -6.25 -7.95 42.04
N ASN B 88 -5.81 -6.94 41.29
CA ASN B 88 -5.96 -6.95 39.83
C ASN B 88 -4.96 -7.90 39.14
N THR B 89 -5.41 -9.14 38.91
CA THR B 89 -4.68 -10.16 38.14
C THR B 89 -5.61 -11.08 37.34
N CYS B 90 -6.96 -10.79 37.17
CA CYS B 90 -7.90 -11.69 36.47
C CYS B 90 -7.52 -11.97 35.00
N TYR B 91 -6.81 -10.98 34.33
CA TYR B 91 -6.22 -11.06 32.99
C TYR B 91 -5.08 -12.10 32.90
N LEU B 92 -4.20 -12.16 33.90
CA LEU B 92 -3.16 -13.19 34.02
C LEU B 92 -3.77 -14.55 34.41
N ASN B 93 -4.67 -14.60 35.40
CA ASN B 93 -5.32 -15.84 35.84
C ASN B 93 -6.01 -16.60 34.71
N SER B 94 -6.77 -15.88 33.87
CA SER B 94 -7.47 -16.49 32.74
C SER B 94 -6.50 -17.11 31.73
N ILE B 95 -5.38 -16.44 31.46
CA ILE B 95 -4.31 -16.94 30.59
C ILE B 95 -3.57 -18.15 31.20
N LEU B 96 -3.28 -18.14 32.50
CA LEU B 96 -2.64 -19.27 33.17
C LEU B 96 -3.54 -20.51 33.20
N GLN B 97 -4.85 -20.33 33.41
CA GLN B 97 -5.81 -21.42 33.41
C GLN B 97 -5.96 -22.07 32.03
N VAL B 98 -6.01 -21.31 30.94
CA VAL B 98 -6.06 -21.87 29.57
C VAL B 98 -4.74 -22.53 29.14
N LEU B 99 -3.58 -22.01 29.59
CA LEU B 99 -2.27 -22.60 29.31
C LEU B 99 -2.01 -23.88 30.10
N TYR B 100 -2.62 -24.04 31.27
CA TYR B 100 -2.56 -25.28 32.04
C TYR B 100 -3.16 -26.49 31.30
N PHE B 101 -4.24 -26.25 30.54
CA PHE B 101 -4.94 -27.29 29.74
C PHE B 101 -4.54 -27.34 28.25
N CYS B 102 -3.55 -26.56 27.82
CA CYS B 102 -3.00 -26.67 26.47
C CYS B 102 -2.24 -28.01 26.27
N PRO B 103 -2.34 -28.65 25.09
CA PRO B 103 -1.84 -30.01 24.79
C PRO B 103 -0.50 -30.41 25.42
N GLY B 104 0.55 -29.61 25.23
CA GLY B 104 1.91 -29.96 25.66
C GLY B 104 2.60 -28.91 26.54
N PHE B 105 1.93 -27.80 26.88
CA PHE B 105 2.55 -26.65 27.56
C PHE B 105 3.19 -27.05 28.90
N LYS B 106 2.43 -27.81 29.69
CA LYS B 106 2.81 -28.30 31.02
C LYS B 106 4.01 -29.26 31.03
N SER B 107 4.22 -30.01 29.96
CA SER B 107 5.40 -30.89 29.81
C SER B 107 6.62 -30.16 29.24
N GLY B 108 6.42 -29.24 28.29
CA GLY B 108 7.48 -28.40 27.75
C GLY B 108 8.09 -27.44 28.78
N VAL B 109 7.25 -26.81 29.62
CA VAL B 109 7.72 -25.98 30.75
C VAL B 109 8.51 -26.81 31.76
N LYS B 110 8.12 -28.07 32.03
CA LYS B 110 8.90 -29.00 32.87
C LYS B 110 10.24 -29.38 32.26
N HIS B 111 10.30 -29.59 30.95
CA HIS B 111 11.55 -29.87 30.24
C HIS B 111 12.54 -28.69 30.31
N LEU B 112 12.05 -27.47 30.02
CA LEU B 112 12.83 -26.24 30.12
C LEU B 112 13.28 -25.93 31.56
N PHE B 113 12.40 -26.09 32.56
CA PHE B 113 12.75 -25.90 33.96
C PHE B 113 13.80 -26.90 34.46
N ASN B 114 13.73 -28.17 34.03
CA ASN B 114 14.75 -29.17 34.36
C ASN B 114 16.11 -28.82 33.72
N ILE B 115 16.11 -28.31 32.48
CA ILE B 115 17.34 -27.80 31.86
C ILE B 115 17.90 -26.61 32.63
N ILE B 116 17.08 -25.63 32.99
CA ILE B 116 17.53 -24.48 33.78
C ILE B 116 18.04 -24.92 35.16
N SER B 117 17.41 -25.91 35.79
CA SER B 117 17.88 -26.48 37.07
C SER B 117 19.25 -27.17 36.93
N ARG B 118 19.46 -27.97 35.87
CA ARG B 118 20.78 -28.52 35.51
C ARG B 118 21.81 -27.46 35.13
N LYS B 119 21.39 -26.35 34.53
CA LYS B 119 22.29 -25.21 34.35
C LYS B 119 22.71 -24.62 35.70
N LYS B 120 21.77 -24.37 36.61
CA LYS B 120 22.03 -23.71 37.90
C LYS B 120 22.92 -24.55 38.81
N GLU B 121 22.76 -25.88 38.85
CA GLU B 121 23.65 -26.79 39.59
C GLU B 121 25.07 -26.87 38.99
N ALA B 122 25.20 -26.85 37.65
CA ALA B 122 26.50 -26.83 36.98
C ALA B 122 27.29 -25.53 37.22
N LEU B 123 26.59 -24.40 37.34
CA LEU B 123 27.14 -23.11 37.76
C LEU B 123 26.54 -22.68 39.12
N LEU B 140 19.27 -15.52 35.76
CA LEU B 140 18.90 -14.46 34.82
C LEU B 140 17.37 -14.25 34.82
N ALA B 141 16.92 -13.01 34.57
CA ALA B 141 15.50 -12.61 34.63
C ALA B 141 14.54 -13.46 33.77
N SER B 142 14.96 -13.90 32.58
CA SER B 142 14.16 -14.77 31.72
C SER B 142 13.93 -16.16 32.32
N TYR B 143 14.92 -16.70 33.04
CA TYR B 143 14.83 -18.00 33.71
C TYR B 143 13.91 -17.98 34.92
N GLU B 144 13.76 -16.83 35.59
CA GLU B 144 12.77 -16.65 36.66
C GLU B 144 11.34 -16.82 36.15
N LEU B 145 11.04 -16.54 34.87
CA LEU B 145 9.70 -16.74 34.33
C LEU B 145 9.33 -18.23 34.23
N ILE B 146 10.29 -19.08 33.85
CA ILE B 146 10.12 -20.52 33.77
C ILE B 146 10.11 -21.19 35.16
N CYS B 147 10.94 -20.69 36.10
CA CYS B 147 10.89 -21.11 37.51
C CYS B 147 9.56 -20.75 38.18
N SER B 148 9.05 -19.56 37.86
CA SER B 148 7.78 -19.03 38.34
C SER B 148 6.57 -19.80 37.79
N LEU B 149 6.60 -20.15 36.50
CA LEU B 149 5.60 -20.99 35.85
C LEU B 149 5.62 -22.42 36.41
N GLN B 150 6.78 -23.06 36.57
CA GLN B 150 6.86 -24.39 37.16
C GLN B 150 6.28 -24.43 38.59
N SER B 151 6.64 -23.46 39.43
CA SER B 151 6.13 -23.31 40.79
C SER B 151 4.60 -23.06 40.85
N LEU B 152 4.04 -22.32 39.88
CA LEU B 152 2.59 -22.18 39.69
C LEU B 152 1.90 -23.50 39.30
N ILE B 153 2.46 -24.23 38.33
CA ILE B 153 1.90 -25.50 37.84
C ILE B 153 1.91 -26.56 38.95
N ILE B 154 2.99 -26.68 39.72
CA ILE B 154 3.11 -27.64 40.84
C ILE B 154 2.08 -27.33 41.93
N SER B 155 1.88 -26.04 42.26
CA SER B 155 0.81 -25.56 43.16
C SER B 155 -0.56 -26.06 42.66
N VAL B 156 -0.87 -25.86 41.37
CA VAL B 156 -2.12 -26.35 40.77
C VAL B 156 -2.32 -27.87 40.85
N GLU B 157 -1.33 -28.73 40.51
CA GLU B 157 -1.51 -30.18 40.72
C GLU B 157 -1.72 -30.55 42.19
N GLN B 158 -1.05 -29.86 43.13
CA GLN B 158 -1.28 -30.05 44.57
C GLN B 158 -2.71 -29.68 45.00
N LEU B 159 -3.34 -28.65 44.43
CA LEU B 159 -4.76 -28.35 44.65
C LEU B 159 -5.66 -29.43 44.04
N GLN B 160 -5.43 -29.82 42.79
CA GLN B 160 -6.27 -30.81 42.12
C GLN B 160 -6.24 -32.15 42.86
N ALA B 161 -5.06 -32.61 43.27
CA ALA B 161 -4.93 -33.78 44.13
C ALA B 161 -5.65 -33.56 45.46
N SER B 162 -5.38 -32.46 46.17
CA SER B 162 -6.00 -32.19 47.49
C SER B 162 -7.54 -32.15 47.45
N PHE B 163 -8.15 -31.55 46.42
CA PHE B 163 -9.61 -31.61 46.20
C PHE B 163 -10.11 -33.06 45.95
N LEU B 164 -9.37 -33.86 45.18
CA LEU B 164 -9.76 -35.23 44.83
C LEU B 164 -9.76 -36.20 46.03
N LEU B 165 -8.79 -36.11 46.95
CA LEU B 165 -8.63 -37.09 48.05
C LEU B 165 -8.70 -36.55 49.48
N ASN B 166 -8.42 -35.26 49.70
CA ASN B 166 -8.44 -34.62 51.03
C ASN B 166 -9.11 -33.22 50.98
N PRO B 167 -10.44 -33.11 50.70
CA PRO B 167 -11.17 -31.85 50.81
C PRO B 167 -10.98 -31.12 52.15
N GLU B 168 -10.76 -31.85 53.24
CA GLU B 168 -10.49 -31.35 54.60
C GLU B 168 -9.05 -30.80 54.80
N LYS B 169 -8.45 -30.21 53.75
CA LYS B 169 -7.09 -29.64 53.74
C LYS B 169 -7.04 -28.36 52.89
N TYR B 170 -5.95 -27.60 53.03
CA TYR B 170 -5.70 -26.35 52.29
C TYR B 170 -6.85 -25.34 52.48
N THR B 171 -7.27 -25.14 53.74
CA THR B 171 -8.44 -24.32 54.12
C THR B 171 -8.31 -22.86 53.69
N ASP B 172 -7.09 -22.32 53.69
CA ASP B 172 -6.71 -20.99 53.21
C ASP B 172 -6.42 -20.93 51.69
N GLU B 173 -6.79 -21.99 50.96
CA GLU B 173 -6.39 -22.27 49.58
C GLU B 173 -4.88 -22.12 49.33
N LEU B 174 -4.07 -22.55 50.32
CA LEU B 174 -2.60 -22.63 50.35
C LEU B 174 -1.87 -21.34 49.95
N ALA B 175 -2.59 -20.23 49.89
CA ALA B 175 -2.20 -18.99 49.20
C ALA B 175 -1.59 -19.26 47.81
N THR B 176 -2.40 -19.66 46.81
CA THR B 176 -1.91 -19.81 45.42
C THR B 176 -1.65 -18.44 44.76
N GLN B 177 -0.43 -18.14 44.32
CA GLN B 177 -0.02 -16.78 43.93
C GLN B 177 0.56 -16.68 42.49
N PRO B 178 -0.16 -16.00 41.59
CA PRO B 178 0.42 -15.44 40.37
C PRO B 178 1.25 -14.18 40.64
N ARG B 179 1.14 -13.54 41.81
CA ARG B 179 1.83 -12.27 42.11
C ARG B 179 3.34 -12.36 41.92
N ARG B 180 3.95 -13.50 42.26
CA ARG B 180 5.37 -13.78 41.98
C ARG B 180 5.67 -13.85 40.49
N LEU B 181 4.80 -14.49 39.70
CA LEU B 181 4.92 -14.46 38.23
C LEU B 181 4.75 -13.03 37.70
N LEU B 182 3.80 -12.27 38.24
CA LEU B 182 3.60 -10.86 37.88
C LEU B 182 4.84 -10.01 38.19
N ASN B 183 5.51 -10.20 39.33
CA ASN B 183 6.79 -9.55 39.62
C ASN B 183 7.88 -9.85 38.58
N THR B 184 8.00 -11.11 38.14
CA THR B 184 8.86 -11.47 37.01
C THR B 184 8.47 -10.77 35.69
N LEU B 185 7.16 -10.63 35.41
CA LEU B 185 6.71 -9.86 34.25
C LEU B 185 6.92 -8.35 34.39
N ARG B 186 7.01 -7.79 35.60
CA ARG B 186 7.43 -6.38 35.82
C ARG B 186 8.90 -6.18 35.46
N GLU B 187 9.76 -7.11 35.88
CA GLU B 187 11.19 -7.14 35.51
C GLU B 187 11.44 -7.30 34.00
N LEU B 188 10.51 -7.95 33.29
CA LEU B 188 10.54 -8.13 31.83
C LEU B 188 9.78 -7.04 31.04
N ASN B 189 8.80 -6.39 31.65
CA ASN B 189 7.90 -5.44 31.01
C ASN B 189 7.33 -4.41 32.04
N PRO B 190 7.74 -3.13 31.95
CA PRO B 190 7.30 -2.07 32.87
C PRO B 190 5.78 -1.81 32.94
N MET B 191 5.00 -2.24 31.95
CA MET B 191 3.55 -1.94 31.95
C MET B 191 2.79 -2.56 33.11
N TYR B 192 3.22 -3.73 33.60
CA TYR B 192 2.49 -4.48 34.63
C TYR B 192 2.66 -3.92 36.06
N GLU B 193 3.05 -2.64 36.17
CA GLU B 193 3.32 -2.00 37.45
C GLU B 193 2.07 -1.56 38.23
N GLY B 194 2.12 -1.77 39.56
CA GLY B 194 0.97 -1.60 40.46
C GLY B 194 -0.13 -2.65 40.31
N TYR B 195 -1.36 -2.20 40.61
CA TYR B 195 -2.63 -2.95 40.57
C TYR B 195 -3.55 -2.41 39.45
N LEU B 196 -2.97 -2.11 38.29
CA LEU B 196 -3.72 -1.75 37.10
C LEU B 196 -4.41 -2.97 36.46
N GLN B 197 -5.21 -2.65 35.46
CA GLN B 197 -5.92 -3.58 34.61
C GLN B 197 -5.23 -3.66 33.25
N HIS B 198 -5.23 -4.84 32.63
CA HIS B 198 -4.52 -5.08 31.36
C HIS B 198 -5.30 -6.00 30.45
N ASP B 199 -4.85 -6.08 29.20
CA ASP B 199 -5.40 -6.97 28.19
C ASP B 199 -4.85 -8.40 28.39
N ALA B 200 -5.72 -9.41 28.46
CA ALA B 200 -5.32 -10.81 28.58
C ALA B 200 -4.50 -11.30 27.36
N GLN B 201 -4.78 -10.79 26.16
CA GLN B 201 -4.02 -11.11 24.94
C GLN B 201 -2.61 -10.52 24.97
N GLU B 202 -2.45 -9.31 25.53
CA GLU B 202 -1.12 -8.67 25.69
C GLU B 202 -0.24 -9.41 26.71
N VAL B 203 -0.84 -9.94 27.78
CA VAL B 203 -0.16 -10.87 28.71
C VAL B 203 0.21 -12.21 28.07
N LEU B 204 -0.68 -12.78 27.25
CA LEU B 204 -0.38 -14.01 26.54
C LEU B 204 0.80 -13.81 25.57
N GLN B 205 0.84 -12.70 24.83
CA GLN B 205 1.97 -12.32 23.99
C GLN B 205 3.27 -12.14 24.77
N CYS B 206 3.25 -11.45 25.93
CA CYS B 206 4.41 -11.30 26.79
C CYS B 206 4.94 -12.63 27.33
N ILE B 207 4.08 -13.50 27.87
CA ILE B 207 4.51 -14.80 28.39
C ILE B 207 5.08 -15.67 27.27
N LEU B 208 4.39 -15.79 26.14
CA LEU B 208 4.83 -16.63 25.03
C LEU B 208 6.14 -16.12 24.40
N GLY B 209 6.29 -14.80 24.22
CA GLY B 209 7.52 -14.18 23.72
C GLY B 209 8.73 -14.41 24.64
N ASN B 210 8.55 -14.23 25.95
CA ASN B 210 9.62 -14.44 26.93
C ASN B 210 10.01 -15.93 27.09
N ILE B 211 9.06 -16.86 26.95
CA ILE B 211 9.35 -18.30 26.88
C ILE B 211 10.11 -18.63 25.58
N GLN B 212 9.72 -18.02 24.46
CA GLN B 212 10.38 -18.20 23.17
C GLN B 212 11.82 -17.67 23.16
N GLU B 213 12.06 -16.49 23.74
CA GLU B 213 13.40 -15.93 23.96
C GLU B 213 14.27 -16.79 24.87
N THR B 214 13.70 -17.34 25.94
CA THR B 214 14.37 -18.32 26.79
C THR B 214 14.73 -19.59 26.02
N CYS B 215 13.80 -20.14 25.22
CA CYS B 215 14.05 -21.29 24.36
C CYS B 215 15.18 -21.06 23.35
N GLN B 216 15.22 -19.88 22.70
CA GLN B 216 16.29 -19.50 21.78
C GLN B 216 17.64 -19.31 22.48
N LEU B 217 17.64 -18.79 23.72
CA LEU B 217 18.85 -18.64 24.54
C LEU B 217 19.44 -20.00 24.94
N LEU B 218 18.61 -20.93 25.42
CA LEU B 218 19.02 -22.29 25.76
C LEU B 218 19.47 -23.07 24.51
N LYS B 219 18.81 -22.88 23.37
CA LYS B 219 19.22 -23.46 22.08
C LYS B 219 20.59 -22.98 21.63
N LYS B 220 20.87 -21.68 21.75
CA LYS B 220 22.18 -21.12 21.41
C LYS B 220 23.27 -21.58 22.37
N GLU B 221 22.95 -21.69 23.66
CA GLU B 221 23.87 -22.24 24.65
C GLU B 221 24.22 -23.71 24.36
N GLU B 222 23.23 -24.56 24.06
CA GLU B 222 23.46 -25.97 23.76
C GLU B 222 24.26 -26.16 22.45
N VAL B 223 23.93 -25.42 21.38
CA VAL B 223 24.70 -25.46 20.12
C VAL B 223 26.13 -24.93 20.27
N LYS B 224 26.40 -24.04 21.24
CA LYS B 224 27.78 -23.59 21.55
C LYS B 224 28.64 -24.74 22.11
N ASN B 225 28.02 -25.77 22.68
CA ASN B 225 28.68 -26.96 23.18
C ASN B 225 27.80 -28.22 22.97
N ILE B 421 15.75 -30.51 20.61
CA ILE B 421 14.44 -30.71 19.97
C ILE B 421 13.26 -30.11 20.76
N GLY B 422 13.32 -30.15 22.10
CA GLY B 422 12.24 -29.65 22.97
C GLY B 422 12.21 -28.13 23.17
N PHE B 423 13.11 -27.40 22.51
CA PHE B 423 13.18 -25.93 22.61
C PHE B 423 12.10 -25.25 21.76
N GLU B 424 11.50 -25.93 20.78
CA GLU B 424 10.48 -25.34 19.91
C GLU B 424 9.06 -25.43 20.53
N LEU B 425 8.92 -25.10 21.82
CA LEU B 425 7.66 -25.26 22.55
C LEU B 425 6.56 -24.36 21.97
N VAL B 426 6.83 -23.06 21.91
CA VAL B 426 5.88 -22.06 21.42
C VAL B 426 5.67 -22.21 19.90
N GLU B 427 6.73 -22.56 19.18
CA GLU B 427 6.74 -22.75 17.73
C GLU B 427 5.92 -23.95 17.23
N LYS B 428 5.81 -25.00 18.05
CA LYS B 428 4.92 -26.14 17.77
C LYS B 428 3.48 -25.86 18.19
N LEU B 429 3.28 -25.16 19.30
CA LEU B 429 1.96 -25.02 19.94
C LEU B 429 1.11 -23.85 19.46
N PHE B 430 1.69 -22.66 19.31
CA PHE B 430 0.94 -21.42 19.06
C PHE B 430 1.38 -20.69 17.78
N GLN B 431 2.49 -21.12 17.16
CA GLN B 431 3.06 -20.46 15.98
C GLN B 431 2.59 -21.10 14.67
N GLY B 432 2.08 -20.26 13.77
CA GLY B 432 1.73 -20.63 12.40
C GLY B 432 2.38 -19.71 11.38
N GLN B 433 2.16 -20.03 10.12
CA GLN B 433 2.71 -19.31 8.97
C GLN B 433 1.62 -19.06 7.92
N LEU B 434 1.45 -17.79 7.57
CA LEU B 434 0.55 -17.30 6.52
C LEU B 434 1.29 -17.07 5.21
N VAL B 435 0.52 -17.05 4.12
CA VAL B 435 0.89 -16.57 2.79
C VAL B 435 -0.06 -15.44 2.40
N LEU B 436 0.48 -14.24 2.29
CA LEU B 436 -0.24 -13.03 1.93
C LEU B 436 -0.02 -12.77 0.44
N ARG B 437 -0.99 -13.12 -0.39
CA ARG B 437 -0.95 -12.83 -1.83
C ARG B 437 -1.54 -11.44 -2.09
N THR B 438 -0.88 -10.68 -2.96
CA THR B 438 -1.42 -9.44 -3.55
C THR B 438 -1.44 -9.56 -5.06
N ARG B 439 -2.57 -9.24 -5.70
CA ARG B 439 -2.79 -9.31 -7.16
C ARG B 439 -3.18 -7.94 -7.68
N CYS B 440 -2.25 -7.29 -8.38
CA CYS B 440 -2.48 -6.00 -9.04
C CYS B 440 -3.50 -6.12 -10.17
N LEU B 441 -4.64 -5.43 -10.10
CA LEU B 441 -5.72 -5.55 -11.11
C LEU B 441 -5.38 -4.94 -12.48
N GLU B 442 -4.29 -4.16 -12.53
CA GLU B 442 -3.83 -3.58 -13.79
C GLU B 442 -2.93 -4.52 -14.63
N CYS B 443 -1.99 -5.22 -13.97
CA CYS B 443 -1.00 -6.10 -14.66
C CYS B 443 -1.14 -7.60 -14.32
N GLU B 444 -2.02 -7.93 -13.37
CA GLU B 444 -2.32 -9.28 -12.89
C GLU B 444 -1.05 -10.05 -12.47
N SER B 445 -0.11 -9.33 -11.85
CA SER B 445 1.05 -9.93 -11.18
C SER B 445 0.66 -10.26 -9.75
N LEU B 446 0.96 -11.49 -9.32
CA LEU B 446 0.94 -11.92 -7.92
C LEU B 446 2.24 -11.48 -7.23
N THR B 447 2.15 -11.12 -5.94
CA THR B 447 3.27 -11.04 -4.99
C THR B 447 2.90 -11.81 -3.74
N GLU B 448 3.84 -12.58 -3.20
CA GLU B 448 3.68 -13.31 -1.93
C GLU B 448 4.58 -12.69 -0.85
N ARG B 449 4.03 -12.59 0.37
CA ARG B 449 4.78 -12.44 1.63
C ARG B 449 4.43 -13.63 2.53
N ARG B 450 5.43 -14.17 3.21
CA ARG B 450 5.25 -15.29 4.16
C ARG B 450 5.54 -14.75 5.55
N GLU B 451 4.51 -14.64 6.38
CA GLU B 451 4.60 -14.05 7.72
C GLU B 451 4.06 -15.01 8.76
N ASP B 452 4.70 -15.01 9.92
CA ASP B 452 4.27 -15.81 11.07
C ASP B 452 3.08 -15.19 11.81
N PHE B 453 2.31 -16.01 12.52
CA PHE B 453 1.21 -15.58 13.38
C PHE B 453 1.17 -16.44 14.64
N GLN B 454 0.95 -15.80 15.79
CA GLN B 454 0.60 -16.50 17.02
C GLN B 454 -0.92 -16.53 17.24
N ASP B 455 -1.68 -15.53 16.75
CA ASP B 455 -3.12 -15.40 16.95
C ASP B 455 -3.72 -14.82 15.64
N ILE B 456 -5.02 -15.13 15.45
CA ILE B 456 -5.86 -14.64 14.31
C ILE B 456 -6.78 -13.57 14.86
N SER B 457 -6.46 -12.29 14.64
CA SER B 457 -7.34 -11.18 15.06
C SER B 457 -8.48 -10.94 14.04
N VAL B 458 -9.73 -11.17 14.45
CA VAL B 458 -10.91 -11.12 13.57
C VAL B 458 -11.94 -10.05 13.99
N PRO B 459 -12.61 -9.37 13.03
CA PRO B 459 -13.70 -8.45 13.34
C PRO B 459 -14.92 -9.18 13.90
N VAL B 460 -15.69 -8.51 14.78
CA VAL B 460 -16.94 -9.06 15.34
C VAL B 460 -18.20 -8.55 14.64
N GLN B 461 -18.15 -7.30 14.14
CA GLN B 461 -19.21 -6.70 13.33
C GLN B 461 -18.64 -6.06 12.06
N GLU B 462 -19.50 -5.84 11.09
CA GLU B 462 -19.25 -5.04 9.89
C GLU B 462 -19.05 -3.56 10.23
N ASP B 463 -18.40 -2.85 9.30
CA ASP B 463 -18.21 -1.41 9.37
C ASP B 463 -19.53 -0.63 9.25
N MET B 482 -27.39 -12.39 12.79
CA MET B 482 -26.10 -12.53 13.45
C MET B 482 -25.00 -13.07 12.53
N LYS B 483 -23.74 -12.87 12.92
CA LYS B 483 -22.55 -13.41 12.22
C LYS B 483 -22.09 -14.74 12.84
N THR B 484 -21.35 -15.52 12.06
CA THR B 484 -20.67 -16.77 12.47
C THR B 484 -19.15 -16.57 12.48
N LEU B 485 -18.40 -17.42 13.17
CA LEU B 485 -16.93 -17.35 13.17
C LEU B 485 -16.29 -17.54 11.78
N ARG B 486 -16.92 -18.34 10.91
CA ARG B 486 -16.58 -18.45 9.47
C ARG B 486 -16.61 -17.11 8.72
N TRP B 487 -17.53 -16.21 9.07
CA TRP B 487 -17.61 -14.87 8.49
C TRP B 487 -16.45 -14.00 8.95
N ALA B 488 -16.09 -14.05 10.24
CA ALA B 488 -14.94 -13.34 10.79
C ALA B 488 -13.60 -13.80 10.20
N ILE B 489 -13.43 -15.11 9.98
CA ILE B 489 -12.24 -15.68 9.33
C ILE B 489 -12.23 -15.36 7.83
N SER B 490 -13.40 -15.30 7.16
CA SER B 490 -13.51 -14.78 5.79
C SER B 490 -13.09 -13.30 5.70
N GLN B 491 -13.51 -12.44 6.64
CA GLN B 491 -13.07 -11.03 6.69
C GLN B 491 -11.56 -10.88 6.96
N PHE B 492 -10.97 -11.82 7.71
CA PHE B 492 -9.53 -11.84 7.94
C PHE B 492 -8.74 -12.31 6.71
N ALA B 493 -9.20 -13.40 6.06
CA ALA B 493 -8.41 -14.22 5.15
C ALA B 493 -8.85 -14.23 3.67
N SER B 494 -10.16 -14.15 3.40
CA SER B 494 -10.70 -14.15 2.02
C SER B 494 -10.28 -12.89 1.23
N VAL B 495 -10.60 -12.89 -0.06
CA VAL B 495 -10.12 -11.86 -1.00
C VAL B 495 -10.75 -10.49 -0.72
N GLU B 496 -9.90 -9.52 -0.39
CA GLU B 496 -10.25 -8.10 -0.17
C GLU B 496 -9.73 -7.25 -1.34
N ARG B 497 -10.58 -6.40 -1.94
CA ARG B 497 -10.15 -5.40 -2.94
C ARG B 497 -9.78 -4.09 -2.24
N ILE B 498 -8.54 -3.64 -2.44
CA ILE B 498 -8.01 -2.38 -1.91
C ILE B 498 -8.11 -1.28 -2.97
N VAL B 499 -8.98 -0.29 -2.73
CA VAL B 499 -9.49 0.66 -3.73
C VAL B 499 -9.79 2.04 -3.11
N GLY B 500 -9.56 3.11 -3.87
CA GLY B 500 -9.84 4.48 -3.42
C GLY B 500 -8.62 5.13 -2.77
N GLU B 501 -8.69 5.49 -1.49
CA GLU B 501 -7.54 6.08 -0.77
C GLU B 501 -6.41 5.06 -0.52
N ASP B 502 -6.74 3.77 -0.37
CA ASP B 502 -5.81 2.69 -0.07
C ASP B 502 -5.46 1.82 -1.31
N LYS B 503 -5.01 2.46 -2.39
CA LYS B 503 -4.52 1.75 -3.58
C LYS B 503 -3.16 1.07 -3.32
N TYR B 504 -2.93 -0.06 -3.97
CA TYR B 504 -1.61 -0.71 -4.04
C TYR B 504 -0.64 0.00 -4.99
N PHE B 505 0.56 0.33 -4.51
CA PHE B 505 1.69 0.70 -5.36
C PHE B 505 2.38 -0.53 -5.95
N CYS B 506 2.22 -0.71 -7.26
CA CYS B 506 2.73 -1.86 -7.98
C CYS B 506 4.07 -1.53 -8.67
N GLU B 507 5.18 -2.11 -8.19
CA GLU B 507 6.55 -1.92 -8.76
C GLU B 507 6.71 -2.41 -10.22
N ASN B 508 5.84 -3.30 -10.71
CA ASN B 508 5.76 -3.63 -12.15
C ASN B 508 5.07 -2.54 -13.00
N CYS B 509 4.08 -1.85 -12.41
CA CYS B 509 3.40 -0.74 -13.11
C CYS B 509 4.03 0.63 -12.85
N HIS B 510 4.86 0.77 -11.80
CA HIS B 510 5.32 2.05 -11.26
C HIS B 510 4.17 3.03 -10.96
N HIS B 511 3.07 2.49 -10.42
CA HIS B 511 1.77 3.18 -10.34
C HIS B 511 0.90 2.64 -9.21
N TYR B 512 0.07 3.50 -8.63
CA TYR B 512 -0.96 3.15 -7.67
C TYR B 512 -2.16 2.55 -8.39
N THR B 513 -2.47 1.28 -8.12
CA THR B 513 -3.53 0.52 -8.78
C THR B 513 -4.37 -0.16 -7.73
N GLU B 514 -5.62 -0.48 -8.05
CA GLU B 514 -6.37 -1.45 -7.26
C GLU B 514 -5.67 -2.81 -7.24
N ALA B 515 -5.84 -3.53 -6.12
CA ALA B 515 -5.35 -4.89 -5.98
C ALA B 515 -6.32 -5.74 -5.18
N GLU B 516 -6.37 -7.02 -5.52
CA GLU B 516 -6.95 -8.04 -4.65
C GLU B 516 -5.88 -8.54 -3.67
N ARG B 517 -6.27 -8.81 -2.44
CA ARG B 517 -5.38 -9.28 -1.38
C ARG B 517 -6.01 -10.48 -0.68
N SER B 518 -5.27 -11.58 -0.55
CA SER B 518 -5.76 -12.80 0.09
C SER B 518 -4.71 -13.35 1.05
N LEU B 519 -5.16 -13.85 2.20
CA LEU B 519 -4.34 -14.46 3.23
C LEU B 519 -4.71 -15.94 3.27
N LEU B 520 -3.71 -16.82 3.15
CA LEU B 520 -3.91 -18.26 3.31
C LEU B 520 -2.99 -18.83 4.37
N PHE B 521 -3.48 -19.77 5.15
CA PHE B 521 -2.69 -20.54 6.09
C PHE B 521 -1.83 -21.59 5.36
N ASP B 522 -0.58 -21.75 5.79
CA ASP B 522 0.40 -22.69 5.21
C ASP B 522 0.90 -23.71 6.23
N LYS B 523 1.30 -23.22 7.41
CA LYS B 523 1.61 -24.05 8.58
C LYS B 523 0.68 -23.66 9.70
N MET B 524 0.01 -24.65 10.27
CA MET B 524 -0.89 -24.47 11.40
C MET B 524 -0.27 -25.00 12.70
N PRO B 525 -0.34 -24.26 13.82
CA PRO B 525 0.01 -24.77 15.13
C PRO B 525 -1.00 -25.80 15.64
N GLU B 526 -0.64 -26.49 16.73
CA GLU B 526 -1.53 -27.41 17.46
C GLU B 526 -2.69 -26.70 18.19
N VAL B 527 -2.50 -25.42 18.56
CA VAL B 527 -3.52 -24.55 19.17
C VAL B 527 -3.69 -23.29 18.32
N ILE B 528 -4.91 -23.08 17.79
CA ILE B 528 -5.33 -21.85 17.13
C ILE B 528 -6.04 -20.96 18.14
N THR B 529 -5.45 -19.80 18.40
CA THR B 529 -6.10 -18.74 19.16
C THR B 529 -6.68 -17.68 18.24
N ILE B 530 -7.99 -17.48 18.32
CA ILE B 530 -8.69 -16.39 17.64
C ILE B 530 -8.88 -15.28 18.66
N HIS B 531 -8.36 -14.11 18.30
CA HIS B 531 -8.47 -12.87 19.06
C HIS B 531 -9.64 -12.04 18.51
N LEU B 532 -10.78 -12.11 19.18
CA LEU B 532 -11.99 -11.39 18.75
C LEU B 532 -11.82 -9.89 19.03
N LYS B 533 -11.93 -9.07 17.98
CA LYS B 533 -11.98 -7.61 18.11
C LYS B 533 -13.36 -7.16 18.59
N CYS B 534 -13.70 -7.44 19.85
CA CYS B 534 -14.95 -7.05 20.51
C CYS B 534 -14.99 -5.55 20.85
N PHE B 535 -14.43 -4.70 19.99
CA PHE B 535 -14.24 -3.28 20.20
C PHE B 535 -14.15 -2.55 18.85
N ALA B 536 -14.77 -1.37 18.78
CA ALA B 536 -14.80 -0.52 17.59
C ALA B 536 -14.73 0.97 17.98
N ALA B 537 -14.20 1.78 17.07
CA ALA B 537 -14.24 3.23 17.19
C ALA B 537 -15.58 3.77 16.66
N SER B 538 -16.28 4.55 17.48
CA SER B 538 -17.57 5.17 17.09
C SER B 538 -17.37 6.44 16.25
N GLY B 548 -14.43 7.82 23.37
CA GLY B 548 -14.71 7.75 21.92
C GLY B 548 -14.55 6.34 21.33
N LEU B 549 -14.07 5.39 22.13
CA LEU B 549 -13.96 3.98 21.79
C LEU B 549 -15.06 3.17 22.49
N SER B 550 -15.58 2.15 21.81
CA SER B 550 -16.75 1.37 22.26
C SER B 550 -16.50 -0.13 22.21
N LYS B 551 -16.95 -0.84 23.26
CA LYS B 551 -16.91 -2.30 23.29
C LYS B 551 -18.14 -2.86 22.55
N ILE B 552 -17.92 -3.79 21.63
CA ILE B 552 -19.00 -4.52 20.97
C ILE B 552 -19.47 -5.67 21.88
N ASN B 553 -20.69 -5.55 22.41
CA ASN B 553 -21.21 -6.54 23.36
C ASN B 553 -21.85 -7.78 22.71
N THR B 554 -22.32 -7.69 21.46
CA THR B 554 -22.90 -8.84 20.76
C THR B 554 -21.81 -9.83 20.32
N PRO B 555 -21.83 -11.10 20.76
CA PRO B 555 -20.97 -12.13 20.23
C PRO B 555 -21.37 -12.48 18.80
N LEU B 556 -20.55 -13.33 18.21
CA LEU B 556 -20.85 -14.09 17.00
C LEU B 556 -20.94 -15.58 17.35
N LEU B 557 -21.63 -16.37 16.52
CA LEU B 557 -21.76 -17.81 16.76
C LEU B 557 -20.40 -18.51 16.66
N THR B 558 -20.03 -19.21 17.73
CA THR B 558 -18.78 -19.96 17.87
C THR B 558 -19.04 -21.44 17.59
N PRO B 559 -18.42 -22.04 16.54
CA PRO B 559 -18.55 -23.47 16.32
C PRO B 559 -17.70 -24.25 17.33
N LEU B 560 -18.12 -25.46 17.71
CA LEU B 560 -17.26 -26.40 18.44
C LEU B 560 -16.15 -26.96 17.56
N LYS B 561 -16.43 -27.21 16.28
CA LYS B 561 -15.49 -27.70 15.27
C LYS B 561 -15.20 -26.60 14.26
N LEU B 562 -13.93 -26.36 13.99
CA LEU B 562 -13.43 -25.42 13.01
C LEU B 562 -12.58 -26.18 11.99
N SER B 563 -12.85 -25.92 10.72
CA SER B 563 -12.08 -26.44 9.59
C SER B 563 -11.64 -25.24 8.73
N LEU B 564 -10.34 -25.21 8.41
CA LEU B 564 -9.68 -24.06 7.76
C LEU B 564 -9.19 -24.39 6.33
N GLU B 565 -9.67 -25.48 5.74
CA GLU B 565 -9.40 -25.92 4.37
C GLU B 565 -9.74 -24.86 3.32
N GLU B 566 -10.74 -24.00 3.58
CA GLU B 566 -11.16 -22.91 2.68
C GLU B 566 -10.07 -21.85 2.48
N TRP B 567 -9.37 -21.48 3.56
CA TRP B 567 -8.29 -20.50 3.52
C TRP B 567 -6.90 -21.17 3.61
N SER B 568 -6.76 -22.43 3.18
CA SER B 568 -5.49 -23.17 3.27
C SER B 568 -4.76 -23.25 1.92
N THR B 569 -3.42 -23.18 1.93
CA THR B 569 -2.60 -23.28 0.70
C THR B 569 -2.65 -24.67 0.05
N LYS B 570 -2.80 -25.71 0.87
CA LYS B 570 -3.06 -27.10 0.46
C LYS B 570 -4.31 -27.63 1.18
N PRO B 571 -5.14 -28.46 0.53
CA PRO B 571 -6.22 -29.18 1.21
C PRO B 571 -5.67 -30.07 2.34
N THR B 572 -6.38 -30.11 3.48
CA THR B 572 -6.01 -30.89 4.68
C THR B 572 -7.29 -31.33 5.40
N ASN B 573 -7.43 -32.62 5.70
CA ASN B 573 -8.53 -33.17 6.52
C ASN B 573 -8.23 -33.14 8.03
N ASP B 574 -7.67 -32.03 8.52
CA ASP B 574 -7.50 -31.71 9.94
C ASP B 574 -8.72 -30.90 10.46
N SER B 575 -9.36 -31.35 11.54
CA SER B 575 -10.39 -30.55 12.25
C SER B 575 -9.89 -30.05 13.61
N TYR B 576 -10.20 -28.79 13.94
CA TYR B 576 -9.84 -28.15 15.20
C TYR B 576 -11.05 -27.99 16.10
N GLY B 577 -10.92 -28.32 17.39
CA GLY B 577 -12.02 -28.35 18.34
C GLY B 577 -11.82 -27.35 19.46
N LEU B 578 -12.85 -26.56 19.74
CA LEU B 578 -12.83 -25.54 20.77
C LEU B 578 -12.64 -26.20 22.14
N PHE B 579 -11.64 -25.74 22.91
CA PHE B 579 -11.32 -26.27 24.24
C PHE B 579 -11.11 -25.20 25.31
N ALA B 580 -10.99 -23.93 24.94
CA ALA B 580 -10.90 -22.85 25.91
C ALA B 580 -11.49 -21.56 25.34
N VAL B 581 -12.05 -20.73 26.21
CA VAL B 581 -12.46 -19.37 25.91
C VAL B 581 -12.04 -18.46 27.06
N VAL B 582 -11.70 -17.22 26.75
CA VAL B 582 -11.53 -16.14 27.73
C VAL B 582 -12.55 -15.07 27.41
N MET B 583 -13.37 -14.74 28.40
CA MET B 583 -14.46 -13.77 28.33
C MET B 583 -14.10 -12.50 29.10
N HIS B 584 -14.68 -11.37 28.69
CA HIS B 584 -14.55 -10.08 29.36
C HIS B 584 -15.94 -9.55 29.72
N SER B 585 -16.25 -9.47 31.01
CA SER B 585 -17.48 -8.86 31.50
C SER B 585 -17.25 -7.39 31.83
N GLY B 586 -17.96 -6.51 31.11
CA GLY B 586 -17.85 -5.06 31.24
C GLY B 586 -18.52 -4.34 30.07
N ILE B 587 -19.06 -3.15 30.32
CA ILE B 587 -19.74 -2.29 29.34
C ILE B 587 -18.80 -1.27 28.66
N THR B 588 -17.52 -1.25 29.05
CA THR B 588 -16.50 -0.33 28.54
C THR B 588 -15.19 -1.06 28.28
N ILE B 589 -14.32 -0.48 27.47
CA ILE B 589 -12.98 -1.03 27.17
C ILE B 589 -11.96 -0.80 28.30
N SER B 590 -12.22 0.22 29.14
CA SER B 590 -11.31 0.68 30.21
C SER B 590 -11.34 -0.16 31.48
N SER B 591 -12.40 -0.95 31.70
CA SER B 591 -12.51 -1.85 32.85
C SER B 591 -13.43 -3.02 32.60
N GLY B 592 -13.21 -4.08 33.39
CA GLY B 592 -13.99 -5.30 33.36
C GLY B 592 -13.36 -6.42 34.17
N HIS B 593 -14.02 -7.56 34.17
CA HIS B 593 -13.59 -8.80 34.78
C HIS B 593 -13.33 -9.85 33.71
N TYR B 594 -12.13 -10.42 33.71
CA TYR B 594 -11.81 -11.57 32.85
C TYR B 594 -12.24 -12.86 33.54
N THR B 595 -12.81 -13.76 32.76
CA THR B 595 -13.13 -15.14 33.16
C THR B 595 -12.57 -16.07 32.10
N ALA B 596 -12.07 -17.25 32.49
CA ALA B 596 -11.76 -18.31 31.55
C ALA B 596 -12.73 -19.47 31.73
N SER B 597 -13.07 -20.13 30.63
CA SER B 597 -13.69 -21.45 30.69
C SER B 597 -12.96 -22.41 29.77
N VAL B 598 -12.78 -23.65 30.22
CA VAL B 598 -11.94 -24.68 29.57
C VAL B 598 -12.65 -26.03 29.55
N LYS B 599 -12.60 -26.73 28.41
CA LYS B 599 -13.00 -28.14 28.30
C LYS B 599 -11.89 -29.03 28.86
N VAL B 600 -12.28 -29.98 29.69
CA VAL B 600 -11.39 -31.07 30.13
C VAL B 600 -11.52 -32.28 29.19
N THR B 601 -10.55 -32.41 28.29
CA THR B 601 -10.41 -33.59 27.39
C THR B 601 -9.59 -34.71 28.02
N ASP B 602 -8.53 -34.33 28.75
CA ASP B 602 -7.55 -35.23 29.37
C ASP B 602 -6.95 -34.51 30.60
N LEU B 603 -6.33 -35.26 31.50
CA LEU B 603 -5.58 -34.76 32.66
C LEU B 603 -4.54 -33.73 32.20
N VAL B 737 -9.31 -40.90 42.86
CA VAL B 737 -8.84 -40.59 41.50
C VAL B 737 -9.85 -40.97 40.43
N GLN B 738 -10.93 -41.68 40.78
CA GLN B 738 -12.00 -42.06 39.85
C GLN B 738 -12.79 -40.84 39.37
N SER B 739 -13.13 -39.93 40.29
CA SER B 739 -13.88 -38.70 40.01
C SER B 739 -13.18 -37.72 39.07
N LEU B 740 -11.86 -37.83 38.89
CA LEU B 740 -11.12 -37.00 37.93
C LEU B 740 -11.54 -37.25 36.49
N LYS B 741 -11.76 -38.52 36.13
CA LYS B 741 -12.17 -38.92 34.78
C LYS B 741 -13.64 -38.60 34.51
N GLU B 742 -14.48 -38.54 35.56
CA GLU B 742 -15.90 -38.21 35.45
C GLU B 742 -16.16 -36.78 34.93
N TYR B 743 -15.23 -35.85 35.19
CA TYR B 743 -15.34 -34.49 34.67
C TYR B 743 -15.10 -34.40 33.15
N GLU B 744 -14.54 -35.42 32.50
CA GLU B 744 -14.26 -35.41 31.05
C GLU B 744 -15.49 -35.06 30.19
N GLY B 745 -15.25 -34.31 29.12
CA GLY B 745 -16.28 -33.80 28.23
C GLY B 745 -16.95 -32.51 28.70
N LYS B 746 -17.01 -32.30 30.03
CA LYS B 746 -17.55 -31.09 30.68
C LYS B 746 -16.63 -29.89 30.51
N TRP B 747 -17.10 -28.77 31.05
CA TRP B 747 -16.44 -27.48 31.05
C TRP B 747 -16.21 -26.99 32.48
N LEU B 748 -15.04 -26.44 32.73
CA LEU B 748 -14.70 -25.72 33.95
C LEU B 748 -14.83 -24.23 33.68
N LEU B 749 -15.56 -23.49 34.51
CA LEU B 749 -15.61 -22.03 34.55
C LEU B 749 -14.82 -21.56 35.78
N PHE B 750 -13.86 -20.67 35.58
CA PHE B 750 -13.04 -20.06 36.64
C PHE B 750 -13.50 -18.64 36.95
N ASP B 751 -14.17 -18.44 38.08
CA ASP B 751 -14.28 -17.11 38.69
C ASP B 751 -12.93 -16.72 39.37
N ASP B 752 -12.93 -15.69 40.22
CA ASP B 752 -11.73 -15.19 40.93
C ASP B 752 -11.00 -16.24 41.79
N SER B 753 -11.74 -17.18 42.38
CA SER B 753 -11.24 -18.33 43.13
C SER B 753 -12.19 -19.54 43.15
N GLU B 754 -13.36 -19.47 42.49
CA GLU B 754 -14.29 -20.61 42.34
C GLU B 754 -14.04 -21.35 41.01
N VAL B 755 -14.03 -22.69 41.05
CA VAL B 755 -14.12 -23.55 39.85
C VAL B 755 -15.51 -24.18 39.79
N LYS B 756 -16.32 -23.80 38.81
CA LYS B 756 -17.65 -24.37 38.58
C LYS B 756 -17.63 -25.33 37.39
N VAL B 757 -18.07 -26.57 37.61
CA VAL B 757 -18.27 -27.54 36.54
C VAL B 757 -19.61 -27.28 35.86
N THR B 758 -19.61 -27.24 34.53
CA THR B 758 -20.77 -26.91 33.69
C THR B 758 -20.83 -27.84 32.48
N GLU B 759 -22.04 -28.17 32.03
CA GLU B 759 -22.26 -29.01 30.86
C GLU B 759 -21.93 -28.26 29.57
N GLU B 760 -21.49 -28.99 28.55
CA GLU B 760 -21.15 -28.41 27.25
C GLU B 760 -22.35 -27.72 26.56
N LYS B 761 -23.54 -28.33 26.63
CA LYS B 761 -24.78 -27.74 26.10
C LYS B 761 -25.16 -26.42 26.78
N ASP B 762 -25.07 -26.37 28.10
CA ASP B 762 -25.42 -25.18 28.88
C ASP B 762 -24.42 -24.03 28.67
N PHE B 763 -23.14 -24.39 28.59
CA PHE B 763 -22.06 -23.48 28.26
C PHE B 763 -22.23 -22.84 26.87
N LEU B 764 -22.57 -23.64 25.85
CA LEU B 764 -22.77 -23.14 24.48
C LEU B 764 -24.08 -22.36 24.30
N ASN B 765 -25.12 -22.69 25.07
CA ASN B 765 -26.36 -21.91 25.12
C ASN B 765 -26.11 -20.51 25.70
N SER B 766 -25.38 -20.43 26.82
CA SER B 766 -24.94 -19.19 27.48
C SER B 766 -23.99 -18.35 26.63
N LEU B 767 -23.21 -18.98 25.74
CA LEU B 767 -22.29 -18.32 24.83
C LEU B 767 -22.98 -17.76 23.56
N SER B 768 -24.05 -18.42 23.11
CA SER B 768 -24.75 -18.04 21.88
C SER B 768 -25.43 -16.67 22.03
N PRO B 769 -25.50 -15.83 20.98
CA PRO B 769 -26.15 -14.51 21.06
C PRO B 769 -27.68 -14.54 21.27
N SER B 770 -28.30 -15.73 21.27
CA SER B 770 -29.73 -15.91 21.51
C SER B 770 -30.14 -15.46 22.94
N THR B 771 -29.27 -15.69 23.92
CA THR B 771 -29.39 -15.12 25.27
C THR B 771 -28.38 -13.98 25.44
N SER B 772 -28.70 -12.96 26.24
CA SER B 772 -27.76 -11.89 26.59
C SER B 772 -26.52 -12.48 27.29
N PRO B 773 -25.33 -12.50 26.66
CA PRO B 773 -24.18 -13.26 27.15
C PRO B 773 -23.59 -12.70 28.45
N THR B 774 -23.68 -11.37 28.64
CA THR B 774 -23.15 -10.58 29.77
C THR B 774 -21.61 -10.69 30.06
N SER B 775 -20.93 -11.55 29.33
CA SER B 775 -19.49 -11.82 29.39
C SER B 775 -19.00 -12.13 27.98
N THR B 776 -18.59 -11.10 27.25
CA THR B 776 -18.27 -11.20 25.82
C THR B 776 -17.06 -12.13 25.61
N PRO B 777 -17.11 -13.09 24.68
CA PRO B 777 -15.92 -13.85 24.27
C PRO B 777 -14.85 -12.92 23.69
N TYR B 778 -13.58 -13.19 24.02
CA TYR B 778 -12.45 -12.37 23.60
C TYR B 778 -11.28 -13.16 23.03
N LEU B 779 -10.93 -14.29 23.65
CA LEU B 779 -10.00 -15.27 23.08
C LEU B 779 -10.71 -16.61 22.96
N LEU B 780 -10.74 -17.19 21.76
CA LEU B 780 -11.17 -18.56 21.53
C LEU B 780 -9.95 -19.42 21.23
N PHE B 781 -9.81 -20.55 21.90
CA PHE B 781 -8.74 -21.52 21.64
C PHE B 781 -9.32 -22.81 21.07
N TYR B 782 -8.84 -23.15 19.89
CA TYR B 782 -9.15 -24.39 19.16
C TYR B 782 -7.92 -25.29 19.11
N LYS B 783 -8.10 -26.58 19.39
CA LYS B 783 -7.05 -27.59 19.47
C LYS B 783 -7.15 -28.56 18.29
N LYS B 784 -6.03 -28.99 17.73
CA LYS B 784 -6.00 -30.07 16.72
C LYS B 784 -6.53 -31.39 17.30
N LEU B 785 -7.49 -32.01 16.61
CA LEU B 785 -8.03 -33.33 16.97
C LEU B 785 -7.11 -34.43 16.43
N MET C 1 8.29 3.41 1.61
CA MET C 1 7.79 2.03 1.38
C MET C 1 6.33 1.96 1.82
N GLN C 2 5.53 1.19 1.08
CA GLN C 2 4.12 1.00 1.41
C GLN C 2 3.94 -0.24 2.27
N ILE C 3 3.21 -0.10 3.38
CA ILE C 3 2.78 -1.20 4.26
C ILE C 3 1.25 -1.21 4.40
N PHE C 4 0.69 -2.39 4.63
CA PHE C 4 -0.73 -2.54 4.93
C PHE C 4 -0.95 -2.56 6.45
N VAL C 5 -2.08 -2.01 6.91
CA VAL C 5 -2.54 -2.15 8.29
C VAL C 5 -3.97 -2.67 8.28
N LYS C 6 -4.23 -3.83 8.89
CA LYS C 6 -5.59 -4.35 9.08
C LYS C 6 -6.22 -3.73 10.33
N THR C 7 -7.20 -2.87 10.08
CA THR C 7 -7.96 -2.09 11.05
C THR C 7 -8.94 -2.96 11.86
N LEU C 8 -9.71 -2.32 12.73
CA LEU C 8 -10.59 -2.99 13.68
C LEU C 8 -11.74 -3.78 13.04
N THR C 9 -12.24 -3.31 11.90
CA THR C 9 -13.30 -3.95 11.11
C THR C 9 -12.76 -5.02 10.15
N GLY C 10 -11.45 -5.29 10.17
CA GLY C 10 -10.78 -6.19 9.23
C GLY C 10 -10.36 -5.56 7.92
N LYS C 11 -10.90 -4.35 7.60
CA LYS C 11 -10.53 -3.52 6.45
C LYS C 11 -9.03 -3.23 6.47
N THR C 12 -8.36 -3.39 5.35
CA THR C 12 -6.97 -3.00 5.19
C THR C 12 -6.85 -1.54 4.73
N ILE C 13 -5.92 -0.80 5.32
CA ILE C 13 -5.51 0.54 4.90
C ILE C 13 -4.05 0.48 4.45
N THR C 14 -3.63 1.45 3.66
CA THR C 14 -2.23 1.61 3.27
C THR C 14 -1.61 2.83 3.94
N LEU C 15 -0.39 2.63 4.44
CA LEU C 15 0.52 3.66 4.93
C LEU C 15 1.76 3.70 4.06
N GLU C 16 2.24 4.90 3.74
CA GLU C 16 3.57 5.14 3.19
C GLU C 16 4.51 5.58 4.31
N VAL C 17 5.55 4.77 4.57
CA VAL C 17 6.49 4.93 5.69
C VAL C 17 7.92 4.66 5.24
N GLU C 18 8.89 5.01 6.06
CA GLU C 18 10.31 4.79 5.80
C GLU C 18 10.90 3.80 6.81
N PRO C 19 11.94 3.00 6.48
CA PRO C 19 12.52 2.06 7.45
C PRO C 19 13.04 2.71 8.74
N SER C 20 13.46 3.98 8.66
CA SER C 20 13.86 4.81 9.81
C SER C 20 12.68 5.41 10.59
N ASP C 21 11.43 5.31 10.13
CA ASP C 21 10.27 5.71 10.92
C ASP C 21 10.19 4.89 12.22
N THR C 22 9.98 5.59 13.31
CA THR C 22 9.69 5.02 14.63
C THR C 22 8.22 4.57 14.71
N ILE C 23 7.93 3.60 15.59
CA ILE C 23 6.56 3.12 15.83
C ILE C 23 5.56 4.23 16.20
N GLU C 24 6.00 5.25 16.94
CA GLU C 24 5.16 6.42 17.27
C GLU C 24 4.70 7.23 16.03
N ASN C 25 5.55 7.36 15.00
CA ASN C 25 5.20 8.02 13.74
C ASN C 25 4.20 7.19 12.94
N VAL C 26 4.37 5.86 12.93
CA VAL C 26 3.39 4.95 12.31
C VAL C 26 2.04 5.01 13.02
N LYS C 27 2.02 5.08 14.35
CA LYS C 27 0.78 5.26 15.12
C LYS C 27 0.12 6.63 14.90
N ALA C 28 0.91 7.69 14.68
CA ALA C 28 0.41 8.99 14.23
C ALA C 28 -0.24 8.92 12.84
N LYS C 29 0.38 8.24 11.85
CA LYS C 29 -0.24 8.00 10.53
C LYS C 29 -1.51 7.14 10.58
N ILE C 30 -1.59 6.19 11.52
CA ILE C 30 -2.83 5.42 11.78
C ILE C 30 -3.89 6.29 12.46
N GLN C 31 -3.51 7.20 13.36
CA GLN C 31 -4.43 8.22 13.89
C GLN C 31 -4.94 9.16 12.78
N ASP C 32 -4.09 9.56 11.83
CA ASP C 32 -4.50 10.45 10.73
C ASP C 32 -5.54 9.80 9.79
N LYS C 33 -5.45 8.48 9.56
CA LYS C 33 -6.41 7.73 8.72
C LYS C 33 -7.64 7.22 9.49
N GLU C 34 -7.43 6.43 10.55
CA GLU C 34 -8.51 5.75 11.30
C GLU C 34 -9.03 6.53 12.51
N GLY C 35 -8.36 7.62 12.93
CA GLY C 35 -8.82 8.48 14.01
C GLY C 35 -8.72 7.87 15.41
N ILE C 36 -7.81 6.90 15.62
CA ILE C 36 -7.57 6.28 16.93
C ILE C 36 -6.33 6.92 17.58
N PRO C 37 -6.38 7.37 18.85
CA PRO C 37 -5.22 7.90 19.57
C PRO C 37 -4.07 6.87 19.72
N PRO C 38 -2.78 7.27 19.55
CA PRO C 38 -1.62 6.36 19.61
C PRO C 38 -1.45 5.59 20.93
N ASP C 39 -1.87 6.16 22.06
CA ASP C 39 -1.83 5.53 23.39
C ASP C 39 -2.82 4.35 23.56
N GLN C 40 -3.93 4.36 22.82
CA GLN C 40 -4.90 3.26 22.77
C GLN C 40 -4.54 2.20 21.70
N GLN C 41 -3.74 2.57 20.69
CA GLN C 41 -3.33 1.67 19.62
C GLN C 41 -2.33 0.61 20.08
N ARG C 42 -2.36 -0.52 19.36
CA ARG C 42 -1.49 -1.66 19.60
C ARG C 42 -1.24 -2.37 18.28
N LEU C 43 0.01 -2.31 17.79
CA LEU C 43 0.41 -2.89 16.52
C LEU C 43 1.08 -4.24 16.74
N ILE C 44 0.68 -5.21 15.92
CA ILE C 44 1.26 -6.55 15.91
C ILE C 44 1.78 -6.82 14.49
N PHE C 45 3.01 -7.31 14.38
CA PHE C 45 3.64 -7.77 13.14
C PHE C 45 4.20 -9.16 13.39
N ALA C 46 4.00 -10.13 12.48
CA ALA C 46 4.63 -11.45 12.60
C ALA C 46 4.47 -12.12 14.00
N GLY C 47 3.31 -11.89 14.64
CA GLY C 47 2.97 -12.34 16.00
C GLY C 47 3.66 -11.64 17.19
N LYS C 48 4.56 -10.66 16.97
CA LYS C 48 5.13 -9.80 18.03
C LYS C 48 4.46 -8.43 18.06
N GLN C 49 4.20 -7.91 19.25
CA GLN C 49 3.76 -6.52 19.42
C GLN C 49 4.93 -5.56 19.16
N LEU C 50 4.71 -4.52 18.37
CA LEU C 50 5.68 -3.46 18.15
C LEU C 50 5.70 -2.52 19.38
N GLU C 51 6.87 -2.29 19.93
CA GLU C 51 7.10 -1.41 21.07
C GLU C 51 7.45 0.01 20.60
N ASP C 52 6.88 0.99 21.29
CA ASP C 52 7.15 2.40 21.04
C ASP C 52 8.62 2.76 21.39
N GLY C 53 9.27 3.61 20.57
CA GLY C 53 10.71 3.90 20.69
C GLY C 53 11.66 3.05 19.84
N ARG C 54 11.15 2.16 18.97
CA ARG C 54 11.94 1.40 17.97
C ARG C 54 11.57 1.76 16.53
N THR C 55 12.47 1.48 15.59
CA THR C 55 12.25 1.76 14.16
C THR C 55 11.73 0.54 13.41
N LEU C 56 11.07 0.75 12.28
CA LEU C 56 10.53 -0.34 11.44
C LEU C 56 11.62 -1.28 10.88
N SER C 57 12.85 -0.79 10.71
CA SER C 57 14.00 -1.61 10.33
C SER C 57 14.36 -2.65 11.40
N ASP C 58 14.17 -2.35 12.69
CA ASP C 58 14.46 -3.27 13.80
C ASP C 58 13.60 -4.53 13.78
N TYR C 59 12.39 -4.40 13.23
CA TYR C 59 11.41 -5.48 13.12
C TYR C 59 11.47 -6.24 11.79
N ASN C 60 12.33 -5.83 10.83
CA ASN C 60 12.33 -6.29 9.44
C ASN C 60 11.01 -6.02 8.69
N ILE C 61 10.34 -4.90 8.97
CA ILE C 61 9.17 -4.47 8.18
C ILE C 61 9.63 -3.96 6.81
N GLN C 62 9.24 -4.66 5.75
CA GLN C 62 9.56 -4.34 4.36
C GLN C 62 8.37 -3.66 3.67
N LYS C 63 8.52 -3.35 2.37
CA LYS C 63 7.35 -3.11 1.50
C LYS C 63 6.43 -4.33 1.55
N GLU C 64 5.12 -4.08 1.57
CA GLU C 64 4.03 -5.07 1.48
C GLU C 64 3.86 -5.95 2.74
N SER C 65 4.57 -5.61 3.83
CA SER C 65 4.33 -6.15 5.17
C SER C 65 2.99 -5.70 5.75
N THR C 66 2.37 -6.56 6.58
CA THR C 66 1.05 -6.28 7.21
C THR C 66 1.21 -6.09 8.71
N LEU C 67 0.65 -5.01 9.22
CA LEU C 67 0.43 -4.81 10.65
C LEU C 67 -1.02 -5.09 10.99
N HIS C 68 -1.28 -5.67 12.16
CA HIS C 68 -2.61 -5.82 12.72
C HIS C 68 -2.80 -4.79 13.82
N LEU C 69 -3.83 -3.95 13.66
CA LEU C 69 -4.24 -2.99 14.68
C LEU C 69 -5.23 -3.65 15.64
N VAL C 70 -4.94 -3.52 16.92
CA VAL C 70 -5.80 -3.92 18.05
C VAL C 70 -5.74 -2.82 19.12
N LEU C 71 -6.66 -2.86 20.10
CA LEU C 71 -6.69 -1.99 21.27
C LEU C 71 -6.46 -2.86 22.51
N ARG C 72 -6.17 -2.24 23.67
CA ARG C 72 -6.25 -2.91 24.96
C ARG C 72 -7.70 -3.12 25.38
N LEU C 73 -8.07 -4.34 25.74
CA LEU C 73 -9.31 -4.61 26.49
C LEU C 73 -9.01 -4.77 27.98
N ARG C 74 -8.97 -3.66 28.73
CA ARG C 74 -8.54 -3.64 30.13
C ARG C 74 -9.48 -4.49 30.99
N GLY C 75 -8.89 -5.39 31.78
CA GLY C 75 -9.58 -6.12 32.82
C GLY C 75 -8.66 -6.43 33.98
ZN ZN D . 0.69 -3.59 -11.43
C1 A1IB8 E . -12.81 -30.06 40.88
C10 A1IB8 E . -8.58 -27.37 38.86
C11 A1IB8 E . -7.89 -26.40 39.61
C12 A1IB8 E . -8.15 -26.26 40.98
C13 A1IB8 E . -9.11 -27.09 41.61
C14 A1IB8 E . -9.77 -28.06 40.86
C15 A1IB8 E . -7.41 -25.24 41.82
C17 A1IB8 E . -7.46 -22.94 40.79
C19 A1IB8 E . -6.35 -21.83 39.14
C2 A1IB8 E . -12.57 -29.13 39.68
C21 A1IB8 E . -8.19 -20.77 40.08
C22 A1IB8 E . -8.34 -21.89 40.90
C23 A1IB8 E . -9.28 -22.26 41.92
C25 A1IB8 E . -5.26 -21.80 38.16
C26 A1IB8 E . -5.18 -22.78 37.19
C28 A1IB8 E . -3.30 -21.81 36.34
C3 A1IB8 E . -13.89 -28.89 38.95
C30 A1IB8 E . -4.28 -20.84 38.09
C32 A1IB8 E . -3.47 -18.80 39.14
C33 A1IB8 E . -6.17 -23.90 37.02
C34 A1IB8 E . -5.71 -25.27 36.56
C35 A1IB8 E . -6.53 -24.41 35.64
C36 A1IB8 E . -10.19 -31.55 36.03
C5 A1IB8 E . -11.64 -30.64 37.84
C6 A1IB8 E . -10.41 -30.70 37.25
C8 A1IB8 E . -10.18 -29.27 38.70
C9 A1IB8 E . -9.52 -28.21 39.48
F37 A1IB8 E . -10.38 -30.81 34.91
F38 A1IB8 E . -11.01 -32.61 35.97
F39 A1IB8 E . -8.93 -32.02 35.95
N16 A1IB8 E . -7.93 -23.89 41.69
N18 A1IB8 E . -6.44 -22.94 39.93
N20 A1IB8 E . -7.18 -20.76 39.18
N24 A1IB8 E . -9.04 -23.47 42.39
N27 A1IB8 E . -4.21 -22.77 36.33
N29 A1IB8 E . -3.32 -20.80 37.22
N4 A1IB8 E . -11.51 -29.65 38.81
N7 A1IB8 E . -9.55 -29.88 37.76
O31 A1IB8 E . -4.39 -19.87 39.07
N20 A1A4Y F . -9.28 -6.58 35.18
C21 A1A4Y F . -8.66 -7.24 36.33
C25 A1A4Y F . -10.60 -7.92 37.62
S26 A1A4Y F . -10.30 -8.39 39.31
C35 A1A4Y F . -11.70 -7.94 40.34
O36 A1A4Y F . -10.16 -9.83 39.33
O35 A1A4Y F . -9.20 -7.56 39.77
C22 A1A4Y F . -9.57 -8.32 36.84
#